data_6PW2
#
_entry.id   6PW2
#
_cell.length_a   64.118
_cell.length_b   283.384
_cell.length_c   63.899
_cell.angle_alpha   90.000
_cell.angle_beta   89.800
_cell.angle_gamma   90.000
#
_symmetry.space_group_name_H-M   'P 1 21 1'
#
loop_
_entity.id
_entity.type
_entity.pdbx_description
1 polymer 'Epstein-Barr nuclear antigen 1'
2 polymer 'DNA (62-MER)'
3 polymer 'DNA (62-MER) complementary DNA strand'
4 water water
#
loop_
_entity_poly.entity_id
_entity_poly.type
_entity_poly.pdbx_seq_one_letter_code
_entity_poly.pdbx_strand_id
1 'polypeptide(L)'
;KGGWFGKHRGQGGSNPKFENIAEGLRALLARSHVERTTDEGTWVAGVFVYGGSKTSLYNLRRGTALAIPQCRLTPLSRLP
FGMAPGPGPQPGPLRESIVCYFMVFLQTHIFAEVLKDAIKDLVMTKPAPTCNIRVTVCSFDDGVDLP
;
A,B,C,D,I,J,K,L
2 'polydeoxyribonucleotide'
;(DT)(DA)(DA)(DC)(DC)(DC)(DT)(DA)(DA)(DT)(DT)(DC)(DG)(DA)(DT)(DA)(DG)(DC)(DA)(DT)
(DA)(DT)(DG)(DC)(DT)(DT)(DC)(DC)(DC)(DG)(DT)(DT)(DG)(DG)(DG)(DT)(DA)(DA)(DC)(DA)
(DT)(DA)(DT)(DG)(DC)(DT)(DA)(DT)(DT)(DG)(DA)(DA)(DT)(DT)(DA)(DG)(DG)(DG)(DT)(DT)
(DA)(DG)
;
E,G
3 'polydeoxyribonucleotide'
;(DC)(DT)(DA)(DA)(DC)(DC)(DC)(DT)(DA)(DA)(DT)(DT)(DC)(DA)(DA)(DT)(DA)(DG)(DC)(DA)
(DT)(DA)(DT)(DG)(DT)(DT)(DA)(DC)(DC)(DC)(DA)(DA)(DC)(DG)(DG)(DG)(DA)(DA)(DG)(DC)
(DA)(DT)(DA)(DT)(DG)(DC)(DT)(DA)(DT)(DC)(DG)(DA)(DA)(DT)(DT)(DA)(DG)(DG)(DG)(DT)
(DT)(DA)
;
F,H
#
loop_
_chem_comp.id
_chem_comp.type
_chem_comp.name
_chem_comp.formula
DA DNA linking 2'-DEOXYADENOSINE-5'-MONOPHOSPHATE 'C10 H14 N5 O6 P'
DC DNA linking 2'-DEOXYCYTIDINE-5'-MONOPHOSPHATE 'C9 H14 N3 O7 P'
DG DNA linking 2'-DEOXYGUANOSINE-5'-MONOPHOSPHATE 'C10 H14 N5 O7 P'
DT DNA linking THYMIDINE-5'-MONOPHOSPHATE 'C10 H15 N2 O8 P'
#
# COMPACT_ATOMS: atom_id res chain seq x y z
N LYS A 1 -22.82 50.26 9.78
CA LYS A 1 -23.60 49.39 10.66
C LYS A 1 -23.55 49.92 12.08
N GLY A 2 -24.39 49.37 12.95
CA GLY A 2 -24.53 49.86 14.29
C GLY A 2 -25.42 51.09 14.35
N GLY A 3 -25.85 51.43 15.57
CA GLY A 3 -26.80 52.49 15.82
C GLY A 3 -27.69 52.13 16.99
N TRP A 4 -28.92 52.67 16.99
CA TRP A 4 -29.87 52.36 18.06
C TRP A 4 -30.75 51.19 17.66
N PHE A 5 -31.04 50.32 18.64
CA PHE A 5 -31.89 49.14 18.45
C PHE A 5 -32.99 49.02 19.50
N GLY A 6 -33.40 50.14 20.10
CA GLY A 6 -34.67 50.22 20.80
C GLY A 6 -34.72 49.58 22.18
N LYS A 7 -33.69 48.86 22.59
CA LYS A 7 -33.61 48.29 23.93
C LYS A 7 -32.46 48.96 24.67
N HIS A 8 -32.79 49.84 25.62
CA HIS A 8 -31.80 50.53 26.45
C HIS A 8 -31.04 49.55 27.33
N ARG A 9 -30.71 50.01 28.51
CA ARG A 9 -29.55 49.54 29.24
C ARG A 9 -29.90 48.80 30.51
N GLY A 10 -29.14 47.74 30.78
CA GLY A 10 -29.58 46.69 31.67
C GLY A 10 -30.66 45.80 31.09
N GLN A 11 -30.95 45.94 29.80
CA GLN A 11 -32.01 45.23 29.12
C GLN A 11 -31.47 44.47 27.90
N GLY A 12 -30.35 43.77 28.07
CA GLY A 12 -29.75 43.06 26.96
C GLY A 12 -30.41 41.71 26.73
N GLY A 13 -30.41 41.28 25.47
CA GLY A 13 -31.13 40.10 24.99
C GLY A 13 -30.28 38.85 24.92
N SER A 14 -30.50 38.06 23.87
CA SER A 14 -29.80 36.79 23.66
C SER A 14 -29.33 36.64 22.21
N ASN A 15 -28.05 36.29 22.05
CA ASN A 15 -27.30 36.23 20.81
C ASN A 15 -26.53 34.92 20.74
N PRO A 16 -26.52 34.25 19.57
CA PRO A 16 -25.75 32.99 19.43
C PRO A 16 -24.33 33.00 20.00
N LYS A 17 -23.63 34.14 20.07
CA LYS A 17 -22.28 34.15 20.64
C LYS A 17 -22.32 33.92 22.16
N PHE A 18 -23.18 34.69 22.85
CA PHE A 18 -23.29 34.61 24.30
C PHE A 18 -23.74 33.25 24.77
N GLU A 19 -24.80 32.71 24.17
CA GLU A 19 -25.40 31.47 24.65
C GLU A 19 -24.49 30.26 24.51
N ASN A 20 -23.44 30.38 23.69
CA ASN A 20 -22.36 29.41 23.66
C ASN A 20 -21.34 29.67 24.76
N ILE A 21 -21.07 30.95 25.04
CA ILE A 21 -20.25 31.29 26.19
C ILE A 21 -20.95 30.87 27.47
N ALA A 22 -22.30 30.94 27.46
CA ALA A 22 -23.08 30.51 28.62
C ALA A 22 -23.09 28.99 28.73
N GLU A 23 -23.43 28.30 27.64
CA GLU A 23 -23.38 26.85 27.65
C GLU A 23 -22.01 26.33 28.04
N GLY A 24 -20.95 26.95 27.51
CA GLY A 24 -19.61 26.60 27.98
C GLY A 24 -19.46 26.80 29.48
N LEU A 25 -20.18 27.77 30.04
CA LEU A 25 -20.16 27.95 31.48
C LEU A 25 -21.02 26.88 32.15
N ARG A 26 -22.32 26.83 31.83
CA ARG A 26 -23.24 25.92 32.52
C ARG A 26 -22.98 24.46 32.15
N ALA A 27 -21.73 24.15 31.81
CA ALA A 27 -21.19 22.81 31.79
C ALA A 27 -20.04 22.66 32.76
N LEU A 28 -19.31 23.74 32.97
CA LEU A 28 -18.16 23.71 33.87
C LEU A 28 -18.62 23.82 35.33
N LEU A 29 -19.64 24.65 35.60
CA LEU A 29 -20.30 24.74 36.89
C LEU A 29 -21.12 23.51 37.19
N ALA A 30 -21.27 22.59 36.24
CA ALA A 30 -22.04 21.37 36.46
C ALA A 30 -21.33 20.46 37.45
N ARG A 31 -20.01 20.31 37.27
CA ARG A 31 -19.19 19.35 38.00
C ARG A 31 -19.50 19.28 39.49
N SER A 32 -19.85 20.43 40.10
CA SER A 32 -20.29 20.54 41.50
C SER A 32 -21.80 20.78 41.55
N HIS A 33 -22.49 20.01 42.39
CA HIS A 33 -23.95 20.06 42.48
C HIS A 33 -24.32 20.75 43.80
N VAL A 34 -24.40 22.08 43.77
CA VAL A 34 -24.59 22.89 44.97
C VAL A 34 -25.80 23.78 44.81
N GLU A 35 -26.26 24.33 45.93
CA GLU A 35 -27.40 25.24 45.96
C GLU A 35 -27.03 26.61 45.36
N ARG A 36 -28.04 27.30 44.85
CA ARG A 36 -27.91 28.54 44.09
C ARG A 36 -28.73 29.69 44.66
N THR A 37 -29.86 29.40 45.31
CA THR A 37 -30.70 30.37 45.99
C THR A 37 -30.94 29.89 47.42
N THR A 38 -30.91 30.83 48.37
CA THR A 38 -31.21 30.52 49.76
C THR A 38 -32.65 30.92 50.07
N ASP A 39 -33.23 30.18 51.02
CA ASP A 39 -34.55 30.48 51.56
C ASP A 39 -34.65 31.94 52.00
N GLU A 40 -33.54 32.53 52.45
CA GLU A 40 -33.54 33.91 52.95
C GLU A 40 -33.42 34.92 51.81
N GLY A 41 -32.61 34.62 50.80
CA GLY A 41 -32.51 35.49 49.63
C GLY A 41 -31.51 36.62 49.74
N THR A 42 -30.73 36.69 50.82
CA THR A 42 -29.80 37.80 51.02
C THR A 42 -28.52 37.63 50.19
N TRP A 43 -27.98 38.76 49.74
CA TRP A 43 -26.79 38.77 48.90
C TRP A 43 -25.60 38.93 49.83
N VAL A 44 -25.01 37.78 50.20
CA VAL A 44 -23.80 37.76 51.03
C VAL A 44 -22.57 37.35 50.26
N ALA A 45 -22.69 36.90 49.02
CA ALA A 45 -21.52 36.49 48.30
C ALA A 45 -21.52 37.09 46.91
N GLY A 46 -20.43 36.86 46.21
CA GLY A 46 -20.17 37.52 44.96
C GLY A 46 -18.86 37.08 44.38
N VAL A 47 -18.73 37.33 43.09
CA VAL A 47 -17.54 36.97 42.36
C VAL A 47 -17.14 38.20 41.57
N PHE A 48 -15.85 38.49 41.56
CA PHE A 48 -15.30 39.76 41.04
C PHE A 48 -14.50 39.42 39.79
N VAL A 49 -14.95 39.90 38.63
CA VAL A 49 -14.43 39.44 37.35
C VAL A 49 -13.76 40.60 36.62
N TYR A 50 -12.50 40.42 36.24
CA TYR A 50 -11.78 41.59 35.76
C TYR A 50 -10.55 41.13 35.00
N GLY A 51 -10.12 42.00 34.11
CA GLY A 51 -8.95 41.79 33.33
C GLY A 51 -9.27 41.60 31.86
N GLY A 52 -8.28 41.06 31.15
CA GLY A 52 -8.41 40.72 29.75
C GLY A 52 -8.59 41.95 28.90
N SER A 53 -9.82 42.21 28.50
CA SER A 53 -10.16 43.44 27.81
C SER A 53 -11.65 43.65 28.00
N LYS A 54 -12.10 44.85 27.62
CA LYS A 54 -13.52 45.21 27.73
C LYS A 54 -14.41 44.37 26.80
N THR A 55 -13.93 43.97 25.60
CA THR A 55 -14.82 43.14 24.79
C THR A 55 -14.98 41.75 25.38
N SER A 56 -13.86 41.15 25.78
CA SER A 56 -13.88 39.82 26.39
C SER A 56 -14.72 39.83 27.67
N LEU A 57 -14.44 40.79 28.56
CA LEU A 57 -15.13 40.84 29.83
C LEU A 57 -16.63 41.03 29.63
N TYR A 58 -17.00 41.73 28.57
CA TYR A 58 -18.41 41.94 28.30
C TYR A 58 -19.09 40.62 27.93
N ASN A 59 -18.62 39.96 26.85
CA ASN A 59 -19.25 38.73 26.38
C ASN A 59 -19.37 37.70 27.49
N LEU A 60 -18.38 37.68 28.38
CA LEU A 60 -18.37 36.75 29.51
C LEU A 60 -19.54 37.01 30.46
N ARG A 61 -19.73 38.29 30.85
CA ARG A 61 -20.91 38.71 31.60
C ARG A 61 -22.19 38.38 30.85
N ARG A 62 -22.26 38.69 29.54
CA ARG A 62 -23.46 38.41 28.76
C ARG A 62 -23.80 36.93 28.77
N GLY A 63 -22.79 36.07 28.76
CA GLY A 63 -23.05 34.64 28.89
C GLY A 63 -23.44 34.28 30.31
N THR A 64 -22.72 34.80 31.29
CA THR A 64 -23.06 34.57 32.69
C THR A 64 -24.47 35.04 33.00
N ALA A 65 -24.97 36.06 32.29
CA ALA A 65 -26.35 36.50 32.46
C ALA A 65 -27.32 35.38 32.14
N LEU A 66 -26.93 34.50 31.23
CA LEU A 66 -27.77 33.42 30.75
C LEU A 66 -27.58 32.14 31.54
N ALA A 67 -26.33 31.88 31.96
CA ALA A 67 -26.02 30.68 32.72
C ALA A 67 -26.54 30.75 34.14
N ILE A 68 -26.83 31.95 34.65
CA ILE A 68 -27.18 32.08 36.05
C ILE A 68 -28.22 33.19 36.24
N PRO A 69 -29.49 32.95 35.95
CA PRO A 69 -30.55 33.93 36.29
C PRO A 69 -30.79 34.11 37.78
N GLN A 70 -30.14 33.31 38.64
CA GLN A 70 -30.21 33.39 40.10
C GLN A 70 -29.20 34.38 40.69
N CYS A 71 -28.52 35.15 39.85
CA CYS A 71 -27.54 36.13 40.27
C CYS A 71 -27.91 37.48 39.71
N ARG A 72 -27.24 38.52 40.18
CA ARG A 72 -27.50 39.87 39.72
C ARG A 72 -26.19 40.48 39.27
N LEU A 73 -26.21 41.28 38.20
CA LEU A 73 -24.99 41.68 37.53
C LEU A 73 -24.86 43.19 37.46
N THR A 74 -23.81 43.71 38.10
CA THR A 74 -23.36 45.06 37.82
C THR A 74 -23.03 45.18 36.34
N PRO A 75 -23.08 46.40 35.80
CA PRO A 75 -22.42 46.64 34.52
C PRO A 75 -20.92 46.86 34.73
N LEU A 76 -20.18 46.76 33.63
CA LEU A 76 -18.74 46.97 33.64
C LEU A 76 -18.40 48.40 34.01
N SER A 77 -17.44 48.56 34.92
CA SER A 77 -16.87 49.85 35.29
C SER A 77 -15.35 49.75 35.02
N ARG A 78 -14.54 50.60 35.65
CA ARG A 78 -13.08 50.51 35.59
C ARG A 78 -12.45 50.46 37.00
N LEU A 79 -11.05 50.14 37.03
CA LEU A 79 -10.28 49.88 38.23
C LEU A 79 -9.34 51.03 38.52
N PRO A 80 -9.13 51.33 39.79
CA PRO A 80 -8.10 52.30 40.16
C PRO A 80 -6.69 51.75 39.93
N PHE A 81 -5.77 52.65 39.56
CA PHE A 81 -4.38 52.27 39.40
C PHE A 81 -3.88 51.59 40.68
N GLY A 82 -2.78 50.87 40.56
CA GLY A 82 -2.35 50.07 41.68
C GLY A 82 -1.52 50.82 42.69
N MET A 83 -0.48 50.13 43.15
CA MET A 83 0.58 50.74 43.90
C MET A 83 1.78 50.86 42.96
N ALA A 84 2.25 52.09 42.75
CA ALA A 84 3.30 52.34 41.75
C ALA A 84 4.63 51.82 42.24
N PRO A 85 5.54 51.43 41.34
CA PRO A 85 6.80 50.83 41.77
C PRO A 85 7.86 51.90 41.97
N GLY A 86 8.81 51.58 42.83
CA GLY A 86 9.72 52.59 43.31
C GLY A 86 9.08 53.31 44.47
N PRO A 87 9.87 54.10 45.19
CA PRO A 87 9.38 54.65 46.46
C PRO A 87 8.79 56.06 46.40
N GLY A 88 8.31 56.49 45.24
CA GLY A 88 7.84 57.85 45.11
C GLY A 88 6.45 58.03 45.69
N PRO A 89 5.90 59.23 45.49
CA PRO A 89 4.44 59.39 45.58
C PRO A 89 3.67 58.32 44.78
N GLN A 90 2.60 57.81 45.40
CA GLN A 90 1.72 56.82 44.82
C GLN A 90 0.67 57.49 43.94
N PRO A 91 0.03 56.77 43.02
CA PRO A 91 -0.99 57.43 42.21
C PRO A 91 -2.19 57.76 43.08
N GLY A 92 -2.97 58.73 42.59
CA GLY A 92 -4.03 59.31 43.36
C GLY A 92 -5.25 58.41 43.44
N PRO A 93 -5.56 57.92 44.65
CA PRO A 93 -6.68 56.98 44.86
C PRO A 93 -7.78 56.97 43.81
N LEU A 94 -8.24 58.15 43.37
CA LEU A 94 -9.35 58.18 42.40
C LEU A 94 -8.96 57.79 40.99
N ARG A 95 -7.67 57.60 40.69
CA ARG A 95 -7.21 57.51 39.31
C ARG A 95 -7.78 56.27 38.61
N GLU A 96 -8.03 56.40 37.30
CA GLU A 96 -8.66 55.37 36.49
C GLU A 96 -7.67 54.73 35.51
N SER A 97 -7.65 53.41 35.48
CA SER A 97 -6.96 52.63 34.46
C SER A 97 -7.96 52.14 33.41
N ILE A 98 -7.43 51.61 32.29
CA ILE A 98 -8.24 51.10 31.16
C ILE A 98 -8.82 49.72 31.38
N VAL A 99 -8.46 49.02 32.47
CA VAL A 99 -8.93 47.66 32.69
C VAL A 99 -10.33 47.71 33.29
N CYS A 100 -11.21 46.87 32.80
CA CYS A 100 -12.54 46.87 33.34
C CYS A 100 -12.66 45.77 34.40
N TYR A 101 -13.86 45.65 34.94
CA TYR A 101 -14.27 44.76 36.00
C TYR A 101 -15.77 44.74 35.99
N PHE A 102 -16.33 43.62 36.44
CA PHE A 102 -17.74 43.58 36.77
C PHE A 102 -17.90 42.66 37.97
N MET A 103 -19.08 42.71 38.55
CA MET A 103 -19.32 41.97 39.76
C MET A 103 -20.53 41.10 39.57
N VAL A 104 -20.48 39.94 40.19
CA VAL A 104 -21.58 38.99 40.13
C VAL A 104 -22.13 38.86 41.53
N PHE A 105 -23.40 39.13 41.70
CA PHE A 105 -23.99 39.00 43.02
C PHE A 105 -24.65 37.65 43.14
N LEU A 106 -24.63 37.10 44.35
CA LEU A 106 -25.10 35.75 44.63
C LEU A 106 -25.54 35.66 46.08
N GLN A 107 -26.29 34.59 46.36
CA GLN A 107 -26.90 34.39 47.67
C GLN A 107 -26.18 33.33 48.48
N THR A 108 -25.05 32.84 48.00
CA THR A 108 -24.45 31.59 48.46
C THR A 108 -22.93 31.71 48.56
N HIS A 109 -22.36 31.41 49.73
CA HIS A 109 -20.91 31.41 49.79
C HIS A 109 -20.32 30.32 48.91
N ILE A 110 -21.02 29.18 48.86
CA ILE A 110 -20.50 27.99 48.21
C ILE A 110 -20.50 28.14 46.69
N PHE A 111 -21.67 28.42 46.10
CA PHE A 111 -21.77 28.47 44.65
C PHE A 111 -21.05 29.70 44.06
N ALA A 112 -20.67 30.67 44.90
CA ALA A 112 -19.69 31.66 44.49
C ALA A 112 -18.42 30.99 44.00
N GLU A 113 -17.85 30.12 44.87
CA GLU A 113 -16.65 29.37 44.53
C GLU A 113 -16.84 28.56 43.27
N VAL A 114 -17.99 27.90 43.12
CA VAL A 114 -18.26 27.07 41.94
C VAL A 114 -18.21 27.91 40.68
N LEU A 115 -18.70 29.14 40.75
CA LEU A 115 -18.62 30.00 39.58
C LEU A 115 -17.21 30.51 39.38
N LYS A 116 -16.52 30.85 40.47
CA LYS A 116 -15.16 31.35 40.32
C LYS A 116 -14.29 30.30 39.67
N ASP A 117 -14.43 29.04 40.09
CA ASP A 117 -13.67 27.94 39.51
C ASP A 117 -14.13 27.58 38.11
N ALA A 118 -15.38 27.85 37.77
CA ALA A 118 -15.79 27.60 36.39
C ALA A 118 -15.30 28.71 35.47
N ILE A 119 -15.41 29.96 35.89
CA ILE A 119 -14.92 31.04 35.04
C ILE A 119 -13.42 30.90 34.82
N LYS A 120 -12.68 30.49 35.87
CA LYS A 120 -11.23 30.37 35.71
C LYS A 120 -10.86 29.35 34.66
N ASP A 121 -11.67 28.29 34.51
CA ASP A 121 -11.42 27.20 33.56
C ASP A 121 -12.00 27.46 32.17
N LEU A 122 -13.21 28.01 32.09
CA LEU A 122 -13.75 28.49 30.82
C LEU A 122 -12.78 29.45 30.14
N VAL A 123 -12.18 30.35 30.90
CA VAL A 123 -11.26 31.32 30.33
C VAL A 123 -9.93 30.68 29.95
N MET A 124 -9.42 29.81 30.82
CA MET A 124 -8.04 29.36 30.76
C MET A 124 -7.64 28.78 29.40
N THR A 125 -8.59 28.21 28.66
CA THR A 125 -8.24 27.59 27.39
C THR A 125 -8.11 28.63 26.27
N LYS A 126 -8.96 29.65 26.30
CA LYS A 126 -9.16 30.47 25.12
C LYS A 126 -7.88 31.24 24.75
N PRO A 127 -7.76 31.70 23.50
CA PRO A 127 -6.61 32.55 23.12
C PRO A 127 -6.90 34.02 23.43
N ALA A 128 -5.80 34.79 23.58
CA ALA A 128 -5.86 36.15 24.11
C ALA A 128 -6.94 36.95 23.40
N PRO A 129 -7.55 37.92 24.10
CA PRO A 129 -7.20 38.34 25.46
C PRO A 129 -7.95 37.62 26.56
N THR A 130 -8.79 36.65 26.20
CA THR A 130 -9.62 36.00 27.21
C THR A 130 -8.77 35.37 28.33
N CYS A 131 -7.58 34.83 27.97
CA CYS A 131 -6.72 34.17 28.97
C CYS A 131 -6.40 35.07 30.16
N ASN A 132 -6.47 36.39 29.96
CA ASN A 132 -6.04 37.32 31.00
C ASN A 132 -7.17 37.75 31.95
N ILE A 133 -8.42 37.44 31.63
CA ILE A 133 -9.50 37.62 32.59
C ILE A 133 -9.16 36.90 33.89
N ARG A 134 -9.34 37.60 35.02
CA ARG A 134 -9.09 37.06 36.35
C ARG A 134 -10.35 37.11 37.20
N VAL A 135 -10.41 36.19 38.16
CA VAL A 135 -11.56 36.04 39.02
C VAL A 135 -11.07 35.84 40.46
N THR A 136 -11.64 36.59 41.39
CA THR A 136 -11.57 36.28 42.82
C THR A 136 -12.99 36.19 43.40
N VAL A 137 -13.10 35.52 44.55
CA VAL A 137 -14.36 35.45 45.29
C VAL A 137 -14.38 36.55 46.32
N CYS A 138 -15.47 37.34 46.37
CA CYS A 138 -15.67 38.28 47.46
C CYS A 138 -16.90 37.85 48.23
N SER A 139 -16.86 37.98 49.54
CA SER A 139 -18.00 37.75 50.41
C SER A 139 -18.21 39.00 51.25
N PHE A 140 -19.42 39.54 51.20
CA PHE A 140 -19.77 40.78 51.87
C PHE A 140 -20.13 40.48 53.31
N ASP A 141 -19.40 41.09 54.25
CA ASP A 141 -19.59 40.83 55.68
C ASP A 141 -21.05 41.07 56.11
N ASP A 142 -21.64 42.20 55.70
CA ASP A 142 -22.94 42.66 56.20
C ASP A 142 -24.10 42.41 55.24
N GLY A 143 -23.92 41.60 54.20
CA GLY A 143 -24.95 41.48 53.18
C GLY A 143 -25.07 42.75 52.37
N VAL A 144 -25.56 42.67 51.14
CA VAL A 144 -25.75 43.86 50.31
C VAL A 144 -27.23 43.94 49.99
N ASP A 145 -27.80 45.15 50.13
CA ASP A 145 -29.23 45.36 49.93
C ASP A 145 -29.43 45.81 48.50
N LEU A 146 -29.40 44.85 47.58
CA LEU A 146 -29.81 45.16 46.21
C LEU A 146 -31.29 45.50 46.18
N PRO A 147 -31.69 46.61 45.54
CA PRO A 147 -33.05 47.19 45.53
C PRO A 147 -34.20 46.28 45.04
N LYS B 1 -22.71 78.33 34.17
CA LYS B 1 -22.72 77.06 34.92
C LYS B 1 -22.40 75.85 34.03
N GLY B 2 -21.69 74.87 34.59
CA GLY B 2 -21.28 73.72 33.81
C GLY B 2 -20.27 74.04 32.71
N GLY B 3 -19.71 72.97 32.12
CA GLY B 3 -18.77 73.04 31.02
C GLY B 3 -17.58 72.12 31.23
N TRP B 4 -16.58 72.25 30.34
CA TRP B 4 -15.34 71.50 30.44
C TRP B 4 -14.35 72.26 31.28
N PHE B 5 -13.87 71.61 32.34
CA PHE B 5 -12.94 72.21 33.29
C PHE B 5 -11.59 71.50 33.29
N GLY B 6 -11.32 70.73 32.23
CA GLY B 6 -9.99 70.25 31.92
C GLY B 6 -9.56 69.03 32.68
N LYS B 7 -10.28 68.67 33.73
CA LYS B 7 -9.86 67.59 34.61
C LYS B 7 -10.60 66.35 34.16
N HIS B 8 -9.84 65.34 33.74
CA HIS B 8 -10.43 64.09 33.24
C HIS B 8 -10.72 63.11 34.38
N ARG B 9 -11.33 62.00 34.00
CA ARG B 9 -11.89 61.04 34.94
C ARG B 9 -10.83 60.47 35.87
N GLY B 10 -10.91 60.82 37.15
CA GLY B 10 -10.00 60.32 38.16
C GLY B 10 -8.91 61.29 38.55
N GLN B 11 -8.91 62.50 38.00
CA GLN B 11 -7.93 63.53 38.32
C GLN B 11 -8.55 64.68 39.09
N GLY B 12 -9.65 64.46 39.79
CA GLY B 12 -10.24 65.53 40.55
C GLY B 12 -9.31 66.01 41.64
N GLY B 13 -9.08 67.33 41.68
CA GLY B 13 -8.34 67.98 42.77
C GLY B 13 -9.15 68.05 44.05
N SER B 14 -8.73 68.86 45.04
CA SER B 14 -9.50 69.01 46.28
C SER B 14 -9.99 70.43 46.38
N ASN B 15 -11.21 70.63 46.89
CA ASN B 15 -11.78 71.94 47.14
C ASN B 15 -12.50 71.94 48.49
N PRO B 16 -12.60 73.15 49.19
CA PRO B 16 -12.96 73.15 50.63
C PRO B 16 -14.12 72.23 51.04
N LYS B 17 -14.94 71.82 50.06
CA LYS B 17 -16.01 70.86 50.29
C LYS B 17 -15.46 69.47 50.59
N PHE B 18 -14.72 68.90 49.65
CA PHE B 18 -14.26 67.52 49.74
C PHE B 18 -13.17 67.33 50.80
N GLU B 19 -12.37 68.36 51.11
CA GLU B 19 -11.43 68.14 52.20
C GLU B 19 -12.11 68.32 53.52
N ASN B 20 -13.30 68.96 53.53
CA ASN B 20 -14.13 69.00 54.74
C ASN B 20 -14.77 67.65 55.06
N ILE B 21 -15.30 66.96 54.03
CA ILE B 21 -15.68 65.56 54.17
C ILE B 21 -14.49 64.75 54.69
N ALA B 22 -13.32 64.92 54.05
CA ALA B 22 -12.16 64.10 54.36
C ALA B 22 -11.58 64.43 55.73
N GLU B 23 -11.82 65.63 56.23
CA GLU B 23 -11.31 65.92 57.57
C GLU B 23 -12.20 65.29 58.64
N GLY B 24 -13.51 65.14 58.36
CA GLY B 24 -14.34 64.35 59.24
C GLY B 24 -13.87 62.91 59.37
N LEU B 25 -13.56 62.25 58.24
CA LEU B 25 -13.07 60.87 58.25
C LEU B 25 -11.75 60.75 58.97
N ARG B 26 -10.85 61.72 58.77
CA ARG B 26 -9.53 61.63 59.39
C ARG B 26 -9.61 61.73 60.92
N ALA B 27 -10.59 62.45 61.46
CA ALA B 27 -10.71 62.52 62.93
C ALA B 27 -11.29 61.22 63.52
N LEU B 28 -12.21 60.57 62.80
CA LEU B 28 -12.61 59.23 63.18
C LEU B 28 -11.47 58.23 63.03
N LEU B 29 -10.53 58.46 62.11
CA LEU B 29 -9.47 57.49 61.83
C LEU B 29 -8.13 57.83 62.49
N ALA B 30 -8.00 58.99 63.13
CA ALA B 30 -6.80 59.30 63.92
C ALA B 30 -6.87 58.75 65.33
N ARG B 31 -8.02 58.23 65.73
CA ARG B 31 -8.13 57.38 66.91
C ARG B 31 -7.53 56.01 66.65
N SER B 32 -7.64 55.56 65.41
CA SER B 32 -7.37 54.20 64.98
C SER B 32 -5.92 54.12 64.52
N HIS B 33 -5.05 53.73 65.45
CA HIS B 33 -3.63 53.49 65.18
C HIS B 33 -3.44 52.09 64.56
N VAL B 34 -3.97 51.89 63.35
CA VAL B 34 -3.75 50.64 62.61
C VAL B 34 -2.86 50.92 61.43
N GLU B 35 -2.29 49.84 60.90
CA GLU B 35 -1.49 49.93 59.70
C GLU B 35 -2.35 49.65 58.47
N ARG B 36 -2.14 50.47 57.45
CA ARG B 36 -2.98 50.60 56.27
C ARG B 36 -2.37 49.97 55.02
N THR B 37 -1.06 49.75 55.03
CA THR B 37 -0.31 49.15 53.94
C THR B 37 0.43 47.91 54.43
N THR B 38 0.39 46.83 53.64
CA THR B 38 1.30 45.71 53.80
C THR B 38 2.54 45.89 52.92
N ASP B 39 3.51 45.05 53.16
CA ASP B 39 4.70 45.02 52.31
C ASP B 39 4.50 44.23 51.04
N GLU B 40 3.70 43.15 51.05
CA GLU B 40 3.42 42.49 49.80
C GLU B 40 2.56 43.34 48.87
N GLY B 41 2.02 44.46 49.35
CA GLY B 41 1.30 45.38 48.49
C GLY B 41 0.07 44.82 47.81
N THR B 42 -0.52 43.75 48.36
CA THR B 42 -1.66 43.05 47.79
C THR B 42 -2.94 43.66 48.34
N TRP B 43 -3.98 43.71 47.48
CA TRP B 43 -5.26 44.36 47.77
C TRP B 43 -6.35 43.33 48.11
N VAL B 44 -6.50 43.03 49.41
CA VAL B 44 -7.27 41.85 49.80
C VAL B 44 -8.67 42.17 50.31
N ALA B 45 -8.95 43.41 50.67
CA ALA B 45 -10.19 43.76 51.38
C ALA B 45 -10.85 44.99 50.75
N GLY B 46 -12.17 45.06 50.84
CA GLY B 46 -12.88 46.17 50.22
C GLY B 46 -13.95 46.72 51.10
N VAL B 47 -14.19 48.02 50.99
CA VAL B 47 -15.37 48.63 51.56
C VAL B 47 -16.30 48.90 50.39
N PHE B 48 -17.46 48.29 50.43
CA PHE B 48 -18.50 48.44 49.40
C PHE B 48 -19.46 49.53 49.88
N VAL B 49 -19.46 50.68 49.21
CA VAL B 49 -20.27 51.80 49.66
C VAL B 49 -21.31 52.11 48.59
N TYR B 50 -22.57 52.15 48.98
CA TYR B 50 -23.66 52.17 48.02
C TYR B 50 -24.90 52.85 48.61
N GLY B 51 -25.90 53.02 47.75
CA GLY B 51 -27.13 53.63 48.15
C GLY B 51 -27.03 55.15 48.20
N GLY B 52 -27.82 55.75 49.08
CA GLY B 52 -27.77 57.17 49.36
C GLY B 52 -28.35 58.07 48.30
N SER B 53 -27.52 58.48 47.34
CA SER B 53 -27.88 59.32 46.20
C SER B 53 -26.61 59.53 45.38
N LYS B 54 -26.75 59.62 44.05
CA LYS B 54 -25.56 59.69 43.22
C LYS B 54 -24.57 60.69 43.77
N THR B 55 -25.06 61.88 44.14
CA THR B 55 -24.18 63.00 44.37
C THR B 55 -23.48 62.91 45.71
N SER B 56 -24.22 62.61 46.78
CA SER B 56 -23.57 62.45 48.08
C SER B 56 -22.63 61.22 48.10
N LEU B 57 -23.00 60.14 47.39
CA LEU B 57 -21.99 59.12 47.11
C LEU B 57 -20.79 59.73 46.40
N TYR B 58 -21.02 60.46 45.30
CA TYR B 58 -19.92 61.12 44.60
C TYR B 58 -19.07 61.96 45.53
N ASN B 59 -19.69 62.82 46.34
CA ASN B 59 -18.96 63.62 47.34
C ASN B 59 -18.22 62.74 48.34
N LEU B 60 -18.86 61.68 48.84
CA LEU B 60 -18.22 60.80 49.83
C LEU B 60 -17.03 60.08 49.22
N ARG B 61 -17.20 59.54 48.01
CA ARG B 61 -16.04 59.03 47.27
C ARG B 61 -14.92 60.07 47.24
N ARG B 62 -15.28 61.33 46.97
CA ARG B 62 -14.28 62.38 46.77
C ARG B 62 -13.59 62.78 48.06
N GLY B 63 -14.28 62.69 49.19
CA GLY B 63 -13.62 62.92 50.47
C GLY B 63 -12.73 61.77 50.84
N THR B 64 -13.25 60.55 50.70
CA THR B 64 -12.47 59.36 51.02
C THR B 64 -11.15 59.36 50.29
N ALA B 65 -11.11 59.96 49.09
CA ALA B 65 -9.88 59.97 48.31
C ALA B 65 -8.83 60.90 48.94
N LEU B 66 -9.26 61.94 49.66
CA LEU B 66 -8.33 62.90 50.25
C LEU B 66 -7.92 62.53 51.66
N ALA B 67 -8.84 61.91 52.41
CA ALA B 67 -8.51 61.37 53.72
C ALA B 67 -7.48 60.23 53.63
N ILE B 68 -7.66 59.32 52.67
CA ILE B 68 -6.99 58.01 52.68
C ILE B 68 -6.12 57.80 51.45
N PRO B 69 -4.93 58.41 51.37
CA PRO B 69 -4.05 58.18 50.21
C PRO B 69 -3.62 56.72 50.00
N GLN B 70 -3.96 55.84 50.98
CA GLN B 70 -3.69 54.41 50.90
C GLN B 70 -4.81 53.61 50.27
N CYS B 71 -5.98 54.20 50.05
CA CYS B 71 -7.00 53.40 49.39
C CYS B 71 -6.83 53.50 47.88
N ARG B 72 -7.72 52.82 47.16
CA ARG B 72 -7.96 52.99 45.73
C ARG B 72 -9.47 52.98 45.55
N LEU B 73 -9.97 53.76 44.61
CA LEU B 73 -11.42 53.90 44.45
C LEU B 73 -11.86 53.57 43.05
N THR B 74 -12.97 52.88 42.94
CA THR B 74 -13.56 52.69 41.63
C THR B 74 -14.15 54.03 41.18
N PRO B 75 -14.77 54.08 40.00
CA PRO B 75 -15.76 55.13 39.74
C PRO B 75 -17.10 54.71 40.32
N LEU B 76 -18.06 55.60 40.20
CA LEU B 76 -19.43 55.23 40.49
C LEU B 76 -19.94 54.25 39.44
N SER B 77 -20.86 53.38 39.85
CA SER B 77 -21.47 52.41 38.94
C SER B 77 -22.84 52.11 39.51
N ARG B 78 -23.66 51.40 38.74
CA ARG B 78 -25.00 51.11 39.24
C ARG B 78 -25.04 49.71 39.78
N LEU B 79 -26.04 49.46 40.71
CA LEU B 79 -26.46 48.19 41.25
C LEU B 79 -27.60 47.65 40.43
N PRO B 80 -27.69 46.33 40.30
CA PRO B 80 -28.89 45.70 39.75
C PRO B 80 -29.92 45.37 40.84
N PHE B 81 -31.13 45.10 40.40
CA PHE B 81 -32.24 44.93 41.32
C PHE B 81 -32.07 43.65 42.14
N GLY B 82 -32.74 43.59 43.29
CA GLY B 82 -32.64 42.41 44.13
C GLY B 82 -33.61 41.33 43.69
N MET B 83 -34.34 40.78 44.65
CA MET B 83 -35.43 39.88 44.35
C MET B 83 -36.72 40.67 44.20
N ALA B 84 -37.70 40.08 43.50
CA ALA B 84 -38.91 40.87 43.52
C ALA B 84 -39.85 40.34 44.60
N PRO B 85 -40.51 41.17 45.41
CA PRO B 85 -41.46 40.64 46.38
C PRO B 85 -42.81 40.34 45.71
N GLY B 86 -43.68 39.73 46.49
CA GLY B 86 -44.91 39.18 45.97
C GLY B 86 -44.63 38.10 44.95
N PRO B 87 -45.18 38.26 43.73
CA PRO B 87 -44.85 37.30 42.66
C PRO B 87 -44.33 37.91 41.37
N GLY B 88 -44.67 37.23 40.28
CA GLY B 88 -44.37 37.67 38.94
C GLY B 88 -43.05 37.14 38.45
N PRO B 89 -42.70 37.49 37.22
CA PRO B 89 -41.31 37.31 36.77
C PRO B 89 -40.32 38.00 37.69
N GLN B 90 -39.13 37.40 37.82
CA GLN B 90 -38.01 38.00 38.51
C GLN B 90 -37.32 39.05 37.62
N PRO B 91 -36.58 39.98 38.23
CA PRO B 91 -35.69 40.82 37.43
C PRO B 91 -34.71 39.97 36.61
N GLY B 92 -34.29 40.52 35.47
CA GLY B 92 -33.16 39.99 34.76
C GLY B 92 -31.88 40.23 35.54
N PRO B 93 -30.89 39.35 35.39
CA PRO B 93 -29.62 39.56 36.11
C PRO B 93 -29.01 40.90 35.81
N LEU B 94 -28.99 41.27 34.52
CA LEU B 94 -28.34 42.49 34.07
C LEU B 94 -29.09 43.77 34.46
N ARG B 95 -30.43 43.71 34.61
CA ARG B 95 -31.24 44.90 34.82
C ARG B 95 -30.69 45.75 35.95
N GLU B 96 -30.61 47.06 35.71
CA GLU B 96 -29.87 47.96 36.57
C GLU B 96 -30.81 48.93 37.26
N SER B 97 -30.47 49.30 38.48
CA SER B 97 -31.29 50.21 39.25
C SER B 97 -30.68 51.61 39.19
N ILE B 98 -31.46 52.56 39.73
CA ILE B 98 -31.07 53.94 39.91
C ILE B 98 -30.06 54.09 41.03
N VAL B 99 -29.80 53.02 41.76
CA VAL B 99 -28.96 53.10 42.94
C VAL B 99 -27.50 52.91 42.55
N CYS B 100 -26.60 53.63 43.22
CA CYS B 100 -25.20 53.64 42.86
C CYS B 100 -24.33 52.94 43.89
N TYR B 101 -23.11 52.64 43.47
CA TYR B 101 -22.10 52.10 44.36
C TYR B 101 -20.71 52.49 43.87
N PHE B 102 -19.76 52.52 44.79
CA PHE B 102 -18.34 52.51 44.47
C PHE B 102 -17.66 51.56 45.46
N MET B 103 -16.38 51.28 45.19
CA MET B 103 -15.65 50.42 46.08
C MET B 103 -14.31 51.05 46.42
N VAL B 104 -13.78 50.66 47.59
CA VAL B 104 -12.59 51.23 48.22
C VAL B 104 -11.65 50.05 48.45
N PHE B 105 -10.72 49.81 47.52
CA PHE B 105 -9.73 48.76 47.67
C PHE B 105 -8.66 49.18 48.71
N LEU B 106 -8.16 48.20 49.48
CA LEU B 106 -7.33 48.44 50.67
C LEU B 106 -6.40 47.25 50.84
N GLN B 107 -5.27 47.47 51.52
CA GLN B 107 -4.27 46.42 51.54
C GLN B 107 -4.39 45.46 52.73
N THR B 108 -4.97 45.89 53.85
CA THR B 108 -5.13 45.05 55.04
C THR B 108 -6.61 44.87 55.31
N HIS B 109 -6.95 43.74 55.96
CA HIS B 109 -8.33 43.55 56.40
C HIS B 109 -8.67 44.29 57.69
N ILE B 110 -7.68 44.70 58.49
CA ILE B 110 -8.03 45.41 59.73
C ILE B 110 -8.52 46.82 59.40
N PHE B 111 -7.94 47.44 58.38
CA PHE B 111 -8.31 48.80 58.01
C PHE B 111 -9.63 48.88 57.27
N ALA B 112 -10.12 47.80 56.66
CA ALA B 112 -11.45 47.84 56.04
C ALA B 112 -12.54 47.96 57.09
N GLU B 113 -12.52 47.10 58.12
CA GLU B 113 -13.42 47.25 59.27
C GLU B 113 -13.35 48.66 59.85
N VAL B 114 -12.15 49.16 60.09
CA VAL B 114 -12.01 50.51 60.61
C VAL B 114 -12.69 51.52 59.68
N LEU B 115 -12.39 51.44 58.38
CA LEU B 115 -12.92 52.42 57.44
C LEU B 115 -14.42 52.23 57.21
N LYS B 116 -14.94 51.01 57.32
CA LYS B 116 -16.40 50.82 57.30
C LYS B 116 -17.07 51.58 58.44
N ASP B 117 -16.45 51.60 59.63
CA ASP B 117 -17.03 52.29 60.79
C ASP B 117 -16.99 53.79 60.61
N ALA B 118 -15.81 54.35 60.31
CA ALA B 118 -15.66 55.80 60.13
C ALA B 118 -16.68 56.32 59.14
N ILE B 119 -16.85 55.60 58.04
CA ILE B 119 -17.84 55.97 57.03
C ILE B 119 -19.25 55.80 57.58
N LYS B 120 -19.54 54.66 58.20
CA LYS B 120 -20.86 54.52 58.82
C LYS B 120 -21.11 55.64 59.82
N ASP B 121 -20.08 56.03 60.55
CA ASP B 121 -20.25 57.04 61.58
C ASP B 121 -20.34 58.43 60.97
N LEU B 122 -19.36 58.75 60.11
CA LEU B 122 -19.29 60.10 59.52
C LEU B 122 -20.55 60.44 58.74
N VAL B 123 -21.17 59.44 58.13
CA VAL B 123 -22.35 59.67 57.29
C VAL B 123 -23.59 59.81 58.14
N MET B 124 -23.60 59.21 59.32
CA MET B 124 -24.71 59.39 60.24
C MET B 124 -24.78 60.79 60.81
N THR B 125 -23.66 61.53 60.78
CA THR B 125 -23.70 62.89 61.26
C THR B 125 -24.33 63.82 60.23
N LYS B 126 -23.98 63.63 58.95
CA LYS B 126 -24.43 64.55 57.91
C LYS B 126 -25.94 64.43 57.63
N PRO B 127 -26.59 65.51 57.19
CA PRO B 127 -28.03 65.45 56.93
C PRO B 127 -28.34 64.58 55.74
N ALA B 128 -29.64 64.30 55.62
CA ALA B 128 -30.18 63.43 54.58
C ALA B 128 -29.94 64.07 53.20
N PRO B 129 -29.87 63.25 52.14
CA PRO B 129 -29.98 61.80 52.00
C PRO B 129 -28.70 60.99 52.28
N THR B 130 -27.57 61.68 52.41
CA THR B 130 -26.32 61.07 52.84
C THR B 130 -26.47 59.90 53.82
N CYS B 131 -27.25 60.06 54.90
CA CYS B 131 -27.15 59.11 56.00
C CYS B 131 -27.80 57.77 55.68
N ASN B 132 -28.53 57.68 54.57
CA ASN B 132 -29.08 56.41 54.09
C ASN B 132 -28.05 55.61 53.31
N ILE B 133 -26.83 56.11 53.17
CA ILE B 133 -25.77 55.33 52.57
C ILE B 133 -25.44 54.14 53.45
N ARG B 134 -25.09 53.04 52.81
CA ARG B 134 -24.74 51.85 53.55
C ARG B 134 -23.36 51.39 53.12
N VAL B 135 -22.71 50.70 54.05
CA VAL B 135 -21.33 50.29 53.96
C VAL B 135 -21.28 48.83 54.36
N THR B 136 -20.57 48.01 53.56
CA THR B 136 -20.32 46.63 53.92
C THR B 136 -18.92 46.26 53.50
N VAL B 137 -18.26 45.48 54.33
CA VAL B 137 -16.87 45.15 54.08
C VAL B 137 -16.83 43.99 53.10
N CYS B 138 -15.93 44.05 52.12
CA CYS B 138 -15.59 42.89 51.31
C CYS B 138 -14.34 42.21 51.84
N SER B 139 -14.15 40.98 51.40
CA SER B 139 -12.86 40.32 51.47
C SER B 139 -12.69 39.63 50.14
N PHE B 140 -11.56 39.79 49.49
CA PHE B 140 -11.30 39.05 48.27
C PHE B 140 -10.40 37.88 48.66
N ASP B 141 -10.91 36.67 48.42
CA ASP B 141 -10.23 35.48 48.93
C ASP B 141 -8.88 35.32 48.27
N ASP B 142 -8.79 35.77 47.01
CA ASP B 142 -7.57 35.69 46.23
C ASP B 142 -6.91 37.04 46.04
N GLY B 143 -7.58 38.11 46.43
CA GLY B 143 -7.02 39.42 46.24
C GLY B 143 -7.32 39.98 44.86
N VAL B 144 -7.40 41.31 44.80
CA VAL B 144 -7.60 42.02 43.56
C VAL B 144 -6.25 42.57 43.12
N ASP B 145 -5.89 42.29 41.87
CA ASP B 145 -4.62 42.69 41.27
C ASP B 145 -4.84 43.99 40.49
N LEU B 146 -4.73 45.14 41.20
CA LEU B 146 -4.99 46.40 40.52
C LEU B 146 -3.83 46.73 39.60
N PRO B 147 -4.11 47.27 38.41
CA PRO B 147 -3.03 47.56 37.45
C PRO B 147 -2.13 48.72 37.91
N LYS C 1 -3.87 17.30 -1.38
CA LYS C 1 -5.17 16.94 -0.84
C LYS C 1 -5.26 15.42 -0.72
N GLY C 2 -4.53 14.86 0.25
CA GLY C 2 -4.38 13.42 0.38
C GLY C 2 -3.07 12.93 -0.22
N GLY C 3 -2.79 11.65 0.00
CA GLY C 3 -1.60 10.98 -0.52
C GLY C 3 -0.60 10.64 0.57
N TRP C 4 0.58 10.23 0.12
CA TRP C 4 1.69 9.90 1.02
C TRP C 4 2.49 11.15 1.37
N PHE C 5 2.92 11.22 2.64
CA PHE C 5 3.67 12.36 3.18
C PHE C 5 4.88 11.91 4.00
N GLY C 6 5.37 10.70 3.78
CA GLY C 6 6.59 10.24 4.43
C GLY C 6 6.55 10.24 5.93
N LYS C 7 5.42 9.85 6.54
CA LYS C 7 5.27 9.80 7.98
C LYS C 7 4.56 8.51 8.38
N HIS C 8 5.33 7.54 8.86
CA HIS C 8 4.77 6.26 9.25
C HIS C 8 4.07 6.34 10.60
N ARG C 9 3.54 5.21 11.01
CA ARG C 9 2.73 5.13 12.22
C ARG C 9 3.60 5.41 13.44
N GLY C 10 3.01 6.06 14.43
CA GLY C 10 3.77 6.48 15.58
C GLY C 10 4.90 7.45 15.26
N GLN C 11 4.84 8.10 14.10
CA GLN C 11 5.86 9.03 13.68
C GLN C 11 5.22 10.28 13.10
N GLY C 12 4.14 10.74 13.72
CA GLY C 12 3.51 11.99 13.28
C GLY C 12 4.22 13.21 13.85
N GLY C 13 4.05 14.34 13.18
CA GLY C 13 4.77 15.56 13.47
C GLY C 13 3.98 16.55 14.30
N SER C 14 4.00 17.80 13.86
CA SER C 14 3.33 18.91 14.53
C SER C 14 2.76 19.88 13.49
N ASN C 15 1.59 20.40 13.79
CA ASN C 15 0.95 21.46 12.97
C ASN C 15 0.17 22.34 13.88
N PRO C 16 -0.14 23.61 13.43
CA PRO C 16 -0.78 24.59 14.32
C PRO C 16 -2.16 24.22 14.90
N LYS C 17 -2.80 23.13 14.46
CA LYS C 17 -4.07 22.74 15.09
C LYS C 17 -3.83 21.98 16.39
N PHE C 18 -3.02 20.92 16.31
CA PHE C 18 -2.65 20.13 17.48
C PHE C 18 -1.87 20.93 18.50
N GLU C 19 -1.08 21.93 18.06
CA GLU C 19 -0.27 22.68 19.02
C GLU C 19 -1.12 23.55 19.92
N ASN C 20 -2.24 24.07 19.39
CA ASN C 20 -3.15 24.83 20.23
C ASN C 20 -4.07 23.93 21.05
N ILE C 21 -4.40 22.73 20.56
CA ILE C 21 -5.15 21.81 21.40
C ILE C 21 -4.29 21.34 22.55
N ALA C 22 -2.97 21.31 22.36
CA ALA C 22 -2.05 20.95 23.44
C ALA C 22 -1.77 22.12 24.36
N GLU C 23 -1.79 23.34 23.81
CA GLU C 23 -1.78 24.55 24.60
C GLU C 23 -2.90 24.53 25.64
N GLY C 24 -4.15 24.38 25.19
CA GLY C 24 -5.27 24.37 26.10
C GLY C 24 -5.23 23.25 27.12
N LEU C 25 -4.47 22.18 26.82
CA LEU C 25 -4.28 21.13 27.84
C LEU C 25 -3.32 21.59 28.93
N ARG C 26 -2.13 22.08 28.53
CA ARG C 26 -1.15 22.52 29.50
C ARG C 26 -1.81 23.39 30.55
N ALA C 27 -2.63 24.33 30.09
CA ALA C 27 -3.28 25.28 30.99
C ALA C 27 -4.04 24.55 32.08
N LEU C 28 -4.97 23.68 31.70
CA LEU C 28 -5.78 22.96 32.68
C LEU C 28 -4.90 22.07 33.55
N LEU C 29 -3.70 21.77 33.04
CA LEU C 29 -2.73 20.89 33.69
C LEU C 29 -1.85 21.63 34.69
N ALA C 30 -1.60 22.93 34.49
CA ALA C 30 -0.74 23.68 35.39
C ALA C 30 -1.32 23.82 36.79
N ARG C 31 -2.64 23.69 36.93
CA ARG C 31 -3.32 24.01 38.18
C ARG C 31 -2.69 23.27 39.36
N SER C 32 -2.27 22.01 39.17
CA SER C 32 -1.51 21.26 40.19
C SER C 32 -0.05 21.13 39.79
N HIS C 33 0.84 21.49 40.73
CA HIS C 33 2.30 21.47 40.55
C HIS C 33 2.84 20.11 41.05
N VAL C 34 2.54 19.05 40.30
CA VAL C 34 2.87 17.69 40.71
C VAL C 34 3.89 17.12 39.76
N GLU C 35 4.70 16.19 40.26
CA GLU C 35 5.78 15.60 39.50
C GLU C 35 5.24 14.62 38.44
N ARG C 36 5.99 14.48 37.35
CA ARG C 36 5.52 13.70 36.21
C ARG C 36 6.38 12.47 35.91
N THR C 37 7.61 12.38 36.44
CA THR C 37 8.47 11.20 36.27
C THR C 37 9.12 10.84 37.60
N THR C 38 9.39 9.54 37.78
CA THR C 38 10.19 9.04 38.89
C THR C 38 11.50 8.44 38.35
N ASP C 39 12.30 7.90 39.27
CA ASP C 39 13.61 7.35 38.94
C ASP C 39 13.55 5.88 38.55
N GLU C 40 12.48 5.18 38.89
CA GLU C 40 12.31 3.83 38.39
C GLU C 40 11.76 3.80 36.97
N GLY C 41 11.08 4.86 36.55
CA GLY C 41 10.49 4.92 35.23
C GLY C 41 9.46 3.84 34.98
N THR C 42 9.02 3.17 36.04
CA THR C 42 7.97 2.16 35.93
C THR C 42 6.70 2.81 35.38
N TRP C 43 6.01 2.11 34.49
CA TRP C 43 4.74 2.59 33.97
C TRP C 43 3.65 1.97 34.84
N VAL C 44 3.14 2.77 35.78
CA VAL C 44 2.17 2.34 36.78
C VAL C 44 0.83 3.03 36.62
N ALA C 45 0.68 3.94 35.66
CA ALA C 45 -0.55 4.74 35.59
C ALA C 45 -0.94 4.93 34.15
N GLY C 46 -2.05 5.62 33.96
CA GLY C 46 -2.71 5.60 32.67
C GLY C 46 -4.00 6.37 32.65
N VAL C 47 -4.35 6.87 31.48
CA VAL C 47 -5.59 7.59 31.31
C VAL C 47 -6.26 7.00 30.09
N PHE C 48 -7.42 6.41 30.29
CA PHE C 48 -8.13 5.68 29.24
C PHE C 48 -9.13 6.65 28.60
N VAL C 49 -8.91 6.94 27.32
CA VAL C 49 -9.69 7.95 26.64
C VAL C 49 -10.45 7.30 25.50
N TYR C 50 -11.70 7.74 25.26
CA TYR C 50 -12.57 7.04 24.34
C TYR C 50 -13.83 7.87 24.11
N GLY C 51 -14.51 7.53 23.03
CA GLY C 51 -15.82 8.05 22.75
C GLY C 51 -15.77 9.23 21.81
N GLY C 52 -16.93 9.87 21.67
CA GLY C 52 -17.01 11.09 20.89
C GLY C 52 -16.95 10.79 19.41
N SER C 53 -15.76 10.80 18.83
CA SER C 53 -15.58 10.30 17.48
C SER C 53 -14.10 10.04 17.25
N LYS C 54 -13.83 9.30 16.18
CA LYS C 54 -12.46 8.97 15.81
C LYS C 54 -11.64 10.23 15.56
N THR C 55 -12.16 11.16 14.75
CA THR C 55 -11.39 12.38 14.47
C THR C 55 -11.09 13.16 15.73
N SER C 56 -12.09 13.30 16.60
CA SER C 56 -11.95 14.13 17.80
C SER C 56 -10.98 13.50 18.80
N LEU C 57 -11.00 12.16 18.90
CA LEU C 57 -10.01 11.46 19.73
C LEU C 57 -8.60 11.62 19.18
N TYR C 58 -8.46 11.54 17.85
CA TYR C 58 -7.15 11.70 17.24
C TYR C 58 -6.57 13.08 17.56
N ASN C 59 -7.32 14.14 17.28
CA ASN C 59 -6.84 15.49 17.56
C ASN C 59 -6.48 15.66 19.04
N LEU C 60 -7.09 14.88 19.93
CA LEU C 60 -6.77 14.96 21.36
C LEU C 60 -5.54 14.14 21.76
N ARG C 61 -5.36 12.95 21.14
CA ARG C 61 -4.11 12.21 21.27
C ARG C 61 -2.95 13.02 20.68
N ARG C 62 -3.13 13.53 19.46
CA ARG C 62 -2.13 14.41 18.86
C ARG C 62 -1.79 15.58 19.74
N GLY C 63 -2.80 16.13 20.43
CA GLY C 63 -2.55 17.25 21.33
C GLY C 63 -1.81 16.84 22.60
N THR C 64 -2.31 15.79 23.26
CA THR C 64 -1.61 15.26 24.43
C THR C 64 -0.22 14.75 24.07
N ALA C 65 0.00 14.45 22.78
CA ALA C 65 1.32 14.05 22.34
C ALA C 65 2.33 15.17 22.53
N LEU C 66 1.90 16.40 22.29
CA LEU C 66 2.76 17.58 22.38
C LEU C 66 2.80 18.10 23.81
N ALA C 67 1.63 18.12 24.46
CA ALA C 67 1.50 18.67 25.81
C ALA C 67 2.21 17.82 26.87
N ILE C 68 2.46 16.54 26.61
CA ILE C 68 3.01 15.64 27.62
C ILE C 68 4.06 14.72 26.98
N PRO C 69 5.32 15.14 26.84
CA PRO C 69 6.36 14.22 26.31
C PRO C 69 6.79 13.10 27.27
N GLN C 70 6.41 13.17 28.56
CA GLN C 70 6.79 12.19 29.57
C GLN C 70 5.87 10.96 29.56
N CYS C 71 4.83 11.01 28.77
CA CYS C 71 3.94 9.88 28.60
C CYS C 71 4.31 9.14 27.33
N ARG C 72 3.68 7.99 27.15
CA ARG C 72 3.73 7.29 25.88
C ARG C 72 2.28 7.01 25.48
N LEU C 73 2.05 6.84 24.19
CA LEU C 73 0.68 6.84 23.69
C LEU C 73 0.45 5.65 22.77
N THR C 74 -0.61 4.90 23.04
CA THR C 74 -1.00 3.88 22.09
C THR C 74 -1.70 4.54 20.92
N PRO C 75 -1.70 3.91 19.76
CA PRO C 75 -2.61 4.35 18.70
C PRO C 75 -4.05 4.04 19.08
N LEU C 76 -4.96 4.60 18.29
CA LEU C 76 -6.40 4.37 18.43
C LEU C 76 -6.77 2.96 18.00
N SER C 77 -7.70 2.34 18.75
CA SER C 77 -8.29 1.05 18.43
C SER C 77 -9.80 1.24 18.56
N ARG C 78 -10.56 0.13 18.67
CA ARG C 78 -12.00 0.19 18.94
C ARG C 78 -12.34 -0.64 20.17
N LEU C 79 -13.51 -0.27 20.82
CA LEU C 79 -14.07 -0.82 22.04
C LEU C 79 -14.98 -1.98 21.71
N PRO C 80 -15.01 -3.00 22.55
CA PRO C 80 -16.04 -4.03 22.46
C PRO C 80 -17.37 -3.62 23.12
N PHE C 81 -18.47 -4.13 22.54
CA PHE C 81 -19.83 -3.91 23.02
C PHE C 81 -20.02 -4.11 24.51
N GLY C 82 -21.05 -3.48 25.07
CA GLY C 82 -21.27 -3.54 26.49
C GLY C 82 -22.11 -4.72 26.93
N MET C 83 -23.16 -4.40 27.67
CA MET C 83 -24.18 -5.37 28.02
C MET C 83 -25.42 -5.05 27.20
N ALA C 84 -25.90 -6.03 26.42
CA ALA C 84 -27.16 -5.86 25.73
C ALA C 84 -28.30 -5.73 26.74
N PRO C 85 -29.41 -5.07 26.35
CA PRO C 85 -30.49 -4.87 27.30
C PRO C 85 -31.49 -6.00 27.19
N GLY C 86 -31.94 -6.50 28.33
CA GLY C 86 -32.80 -7.66 28.34
C GLY C 86 -32.00 -8.91 28.65
N PRO C 87 -32.68 -10.08 28.68
CA PRO C 87 -32.04 -11.31 29.19
C PRO C 87 -31.62 -12.32 28.12
N GLY C 88 -31.51 -11.88 26.87
CA GLY C 88 -30.99 -12.74 25.84
C GLY C 88 -29.50 -12.88 25.93
N PRO C 89 -28.96 -13.83 25.18
CA PRO C 89 -27.51 -13.92 25.03
C PRO C 89 -26.89 -12.55 24.70
N GLN C 90 -25.74 -12.30 25.34
CA GLN C 90 -24.99 -11.05 25.24
C GLN C 90 -24.15 -11.03 23.96
N PRO C 91 -23.64 -9.85 23.58
CA PRO C 91 -22.78 -9.82 22.38
C PRO C 91 -21.49 -10.59 22.63
N GLY C 92 -20.93 -11.12 21.54
CA GLY C 92 -19.75 -11.94 21.60
C GLY C 92 -18.61 -11.14 22.16
N PRO C 93 -17.82 -11.72 23.09
CA PRO C 93 -16.72 -10.98 23.72
C PRO C 93 -15.73 -10.39 22.75
N LEU C 94 -15.75 -10.83 21.49
CA LEU C 94 -14.82 -10.36 20.48
C LEU C 94 -15.39 -9.24 19.61
N ARG C 95 -16.72 -9.08 19.55
CA ARG C 95 -17.32 -8.20 18.54
C ARG C 95 -17.17 -6.73 18.95
N GLU C 96 -16.58 -5.95 18.04
CA GLU C 96 -16.18 -4.57 18.29
C GLU C 96 -17.22 -3.59 17.74
N SER C 97 -17.36 -2.47 18.44
CA SER C 97 -18.21 -1.37 18.03
C SER C 97 -17.36 -0.27 17.37
N ILE C 98 -18.03 0.82 16.94
CA ILE C 98 -17.36 1.94 16.25
C ILE C 98 -16.70 2.96 17.16
N VAL C 99 -16.91 2.85 18.48
CA VAL C 99 -16.22 3.75 19.40
C VAL C 99 -14.72 3.50 19.30
N CYS C 100 -13.95 4.56 19.36
CA CYS C 100 -12.52 4.38 19.45
C CYS C 100 -12.09 4.65 20.88
N TYR C 101 -10.79 4.58 21.10
CA TYR C 101 -10.19 4.75 22.40
C TYR C 101 -8.69 4.76 22.17
N PHE C 102 -7.99 5.41 23.08
CA PHE C 102 -6.54 5.33 23.11
C PHE C 102 -6.14 5.30 24.58
N MET C 103 -4.84 5.21 24.83
CA MET C 103 -4.36 5.17 26.19
C MET C 103 -3.10 6.02 26.30
N VAL C 104 -2.82 6.43 27.52
CA VAL C 104 -1.65 7.24 27.83
C VAL C 104 -0.92 6.55 28.95
N PHE C 105 0.37 6.33 28.80
CA PHE C 105 1.08 5.66 29.88
C PHE C 105 1.87 6.70 30.65
N LEU C 106 1.89 6.51 31.96
CA LEU C 106 2.41 7.49 32.88
C LEU C 106 3.11 6.80 34.04
N GLN C 107 3.94 7.57 34.74
CA GLN C 107 4.85 7.01 35.73
C GLN C 107 4.43 7.32 37.17
N THR C 108 3.37 8.10 37.39
CA THR C 108 2.92 8.46 38.75
C THR C 108 1.41 8.47 38.78
N HIS C 109 0.79 7.81 39.78
CA HIS C 109 -0.67 7.84 39.88
C HIS C 109 -1.22 9.24 40.06
N ILE C 110 -0.44 10.14 40.65
CA ILE C 110 -0.91 11.50 40.95
C ILE C 110 -1.13 12.28 39.66
N PHE C 111 -0.10 12.35 38.83
CA PHE C 111 -0.24 13.07 37.57
C PHE C 111 -1.30 12.46 36.64
N ALA C 112 -1.68 11.19 36.85
CA ALA C 112 -2.74 10.57 36.04
C ALA C 112 -4.07 11.26 36.29
N GLU C 113 -4.41 11.52 37.57
CA GLU C 113 -5.67 12.19 37.83
C GLU C 113 -5.64 13.65 37.42
N VAL C 114 -4.45 14.27 37.39
CA VAL C 114 -4.39 15.65 36.88
C VAL C 114 -4.75 15.68 35.39
N LEU C 115 -4.44 14.62 34.66
CA LEU C 115 -4.75 14.57 33.24
C LEU C 115 -6.18 14.11 33.03
N LYS C 116 -6.69 13.24 33.91
CA LYS C 116 -8.12 12.91 33.86
C LYS C 116 -8.96 14.18 34.01
N ASP C 117 -8.74 14.91 35.11
CA ASP C 117 -9.48 16.17 35.28
C ASP C 117 -9.11 17.22 34.24
N ALA C 118 -7.93 17.14 33.64
CA ALA C 118 -7.62 18.13 32.60
C ALA C 118 -8.37 17.83 31.30
N ILE C 119 -8.41 16.55 30.91
CA ILE C 119 -9.17 16.20 29.71
C ILE C 119 -10.66 16.40 29.94
N LYS C 120 -11.17 16.01 31.13
CA LYS C 120 -12.61 16.11 31.35
C LYS C 120 -13.11 17.55 31.25
N ASP C 121 -12.30 18.53 31.71
CA ASP C 121 -12.65 19.95 31.65
C ASP C 121 -12.45 20.54 30.26
N LEU C 122 -11.31 20.24 29.65
CA LEU C 122 -11.01 20.73 28.30
C LEU C 122 -12.17 20.49 27.35
N VAL C 123 -12.82 19.34 27.46
CA VAL C 123 -13.70 18.85 26.41
C VAL C 123 -15.14 19.32 26.60
N MET C 124 -15.61 19.39 27.85
CA MET C 124 -17.04 19.62 28.09
C MET C 124 -17.47 21.03 27.68
N THR C 125 -16.52 21.96 27.50
CA THR C 125 -16.84 23.30 27.02
C THR C 125 -16.99 23.34 25.52
N LYS C 126 -16.51 22.33 24.83
CA LYS C 126 -16.55 22.34 23.38
C LYS C 126 -17.86 21.75 22.86
N PRO C 127 -18.32 22.21 21.71
CA PRO C 127 -19.46 21.56 21.04
C PRO C 127 -19.08 20.22 20.42
N ALA C 128 -20.09 19.35 20.28
CA ALA C 128 -19.94 17.95 19.86
C ALA C 128 -19.09 17.76 18.62
N PRO C 129 -18.48 16.58 18.42
CA PRO C 129 -18.42 15.42 19.33
C PRO C 129 -17.32 15.46 20.42
N THR C 130 -16.58 16.57 20.47
CA THR C 130 -15.42 16.68 21.35
C THR C 130 -15.79 16.44 22.82
N CYS C 131 -17.02 16.81 23.22
CA CYS C 131 -17.51 16.73 24.60
C CYS C 131 -18.10 15.37 24.97
N ASN C 132 -18.33 14.47 23.99
CA ASN C 132 -18.72 13.11 24.32
C ASN C 132 -17.53 12.21 24.60
N ILE C 133 -16.33 12.67 24.28
CA ILE C 133 -15.10 12.05 24.75
C ILE C 133 -15.15 11.86 26.27
N ARG C 134 -14.80 10.66 26.74
CA ARG C 134 -14.80 10.37 28.17
C ARG C 134 -13.44 9.90 28.65
N VAL C 135 -13.22 10.02 29.97
CA VAL C 135 -11.91 9.82 30.56
C VAL C 135 -12.06 9.06 31.88
N THR C 136 -11.35 7.93 32.01
CA THR C 136 -11.14 7.29 33.31
C THR C 136 -9.66 7.05 33.56
N VAL C 137 -9.32 6.88 34.84
CA VAL C 137 -7.94 6.75 35.29
C VAL C 137 -7.60 5.27 35.38
N CYS C 138 -6.38 4.88 34.98
CA CYS C 138 -5.93 3.50 35.08
C CYS C 138 -4.75 3.40 36.04
N SER C 139 -4.61 2.23 36.66
CA SER C 139 -3.41 1.93 37.43
C SER C 139 -3.15 0.44 37.33
N PHE C 140 -1.98 0.09 36.81
CA PHE C 140 -1.66 -1.29 36.47
C PHE C 140 -0.94 -1.90 37.66
N ASP C 141 -1.55 -2.92 38.28
CA ASP C 141 -1.10 -3.36 39.61
C ASP C 141 0.35 -3.83 39.60
N ASP C 142 0.84 -4.41 38.48
CA ASP C 142 2.24 -4.82 38.36
C ASP C 142 3.05 -3.94 37.39
N GLY C 143 2.50 -2.82 36.94
CA GLY C 143 3.22 -2.02 35.99
C GLY C 143 3.17 -2.59 34.59
N VAL C 144 3.43 -1.77 33.57
CA VAL C 144 3.43 -2.23 32.19
C VAL C 144 4.83 -2.02 31.65
N ASP C 145 5.43 -3.09 31.11
CA ASP C 145 6.81 -3.01 30.60
C ASP C 145 6.69 -2.61 29.13
N LEU C 146 6.64 -1.30 28.87
CA LEU C 146 6.79 -0.87 27.49
C LEU C 146 8.17 -1.25 27.00
N PRO C 147 8.30 -1.69 25.75
CA PRO C 147 9.57 -2.16 25.18
C PRO C 147 10.70 -1.11 25.18
N LYS D 1 -3.83 -21.07 -0.58
CA LYS D 1 -4.01 -20.68 0.84
C LYS D 1 -4.23 -19.17 1.09
N GLY D 2 -5.09 -18.85 2.06
CA GLY D 2 -5.35 -17.47 2.45
C GLY D 2 -6.60 -16.91 1.81
N GLY D 3 -6.86 -15.63 2.14
CA GLY D 3 -7.90 -14.89 1.46
C GLY D 3 -9.07 -14.47 2.34
N TRP D 4 -10.18 -14.11 1.72
CA TRP D 4 -11.36 -13.65 2.45
C TRP D 4 -12.23 -14.81 2.87
N PHE D 5 -12.68 -14.80 4.13
CA PHE D 5 -13.45 -15.93 4.63
C PHE D 5 -14.78 -15.52 5.23
N GLY D 6 -15.35 -14.40 4.77
CA GLY D 6 -16.72 -14.02 5.06
C GLY D 6 -16.90 -13.32 6.37
N LYS D 7 -15.88 -13.37 7.24
CA LYS D 7 -16.02 -13.00 8.64
C LYS D 7 -15.32 -11.67 8.86
N HIS D 8 -16.07 -10.66 9.30
CA HIS D 8 -15.52 -9.34 9.62
C HIS D 8 -15.02 -9.25 11.06
N ARG D 9 -14.37 -8.13 11.36
CA ARG D 9 -13.63 -7.94 12.61
C ARG D 9 -14.56 -8.08 13.82
N GLY D 10 -14.10 -8.80 14.84
CA GLY D 10 -14.92 -9.10 15.99
C GLY D 10 -15.94 -10.20 15.79
N GLN D 11 -16.16 -10.67 14.56
CA GLN D 11 -17.09 -11.76 14.32
C GLN D 11 -16.38 -13.10 14.10
N GLY D 12 -15.34 -13.39 14.88
CA GLY D 12 -14.59 -14.62 14.67
C GLY D 12 -15.20 -15.77 15.47
N GLY D 13 -15.29 -16.93 14.83
CA GLY D 13 -15.98 -18.08 15.39
C GLY D 13 -15.05 -19.12 16.01
N SER D 14 -15.68 -20.12 16.65
CA SER D 14 -14.98 -21.20 17.32
C SER D 14 -14.38 -22.15 16.29
N ASN D 15 -13.18 -22.72 16.62
CA ASN D 15 -12.69 -23.91 15.91
C ASN D 15 -11.96 -24.80 16.92
N PRO D 16 -11.62 -26.05 16.59
CA PRO D 16 -11.04 -26.93 17.61
C PRO D 16 -9.70 -26.44 18.17
N LYS D 17 -9.07 -25.46 17.52
CA LYS D 17 -7.78 -24.98 17.97
C LYS D 17 -7.90 -24.09 19.20
N PHE D 18 -8.64 -23.00 19.07
CA PHE D 18 -8.92 -22.08 20.17
C PHE D 18 -9.70 -22.73 21.31
N GLU D 19 -10.61 -23.67 21.05
CA GLU D 19 -11.28 -24.20 22.22
C GLU D 19 -10.35 -25.10 23.03
N ASN D 20 -9.18 -25.46 22.50
CA ASN D 20 -8.17 -26.09 23.35
C ASN D 20 -7.51 -25.09 24.31
N ILE D 21 -7.38 -23.83 23.90
CA ILE D 21 -6.91 -22.79 24.80
C ILE D 21 -7.99 -22.45 25.81
N ALA D 22 -9.23 -22.25 25.35
CA ALA D 22 -10.31 -21.86 26.23
C ALA D 22 -10.59 -22.92 27.29
N GLU D 23 -10.32 -24.19 26.99
CA GLU D 23 -10.52 -25.19 28.02
C GLU D 23 -9.33 -25.33 28.95
N GLY D 24 -8.15 -24.82 28.56
CA GLY D 24 -7.07 -24.70 29.52
C GLY D 24 -7.37 -23.67 30.59
N LEU D 25 -7.86 -22.50 30.18
CA LEU D 25 -8.38 -21.50 31.10
C LEU D 25 -9.51 -22.07 31.95
N ARG D 26 -10.53 -22.63 31.29
CA ARG D 26 -11.69 -23.15 32.01
C ARG D 26 -11.37 -24.32 32.93
N ALA D 27 -10.10 -24.75 33.03
CA ALA D 27 -9.70 -25.73 34.05
C ALA D 27 -8.85 -25.09 35.14
N LEU D 28 -8.16 -23.99 34.84
CA LEU D 28 -7.44 -23.25 35.87
C LEU D 28 -8.36 -22.43 36.75
N LEU D 29 -9.41 -21.85 36.18
CA LEU D 29 -10.31 -21.03 36.97
C LEU D 29 -11.61 -21.72 37.30
N ALA D 30 -11.81 -22.96 36.84
CA ALA D 30 -13.07 -23.65 37.10
C ALA D 30 -13.32 -23.86 38.59
N ARG D 31 -12.33 -24.31 39.35
CA ARG D 31 -12.54 -24.53 40.77
C ARG D 31 -12.23 -23.30 41.61
N SER D 32 -12.28 -22.11 40.99
CA SER D 32 -12.42 -20.83 41.69
C SER D 32 -13.79 -20.26 41.32
N HIS D 33 -14.81 -20.56 42.14
CA HIS D 33 -16.17 -20.05 41.97
C HIS D 33 -16.28 -18.65 42.59
N VAL D 34 -15.84 -17.65 41.84
CA VAL D 34 -16.10 -16.25 42.12
C VAL D 34 -17.04 -15.72 41.03
N GLU D 35 -17.62 -14.53 41.27
CA GLU D 35 -18.66 -14.03 40.38
C GLU D 35 -18.11 -13.02 39.40
N ARG D 36 -18.30 -13.29 38.11
CA ARG D 36 -17.70 -12.50 37.04
C ARG D 36 -18.50 -11.26 36.72
N THR D 37 -19.83 -11.31 36.91
CA THR D 37 -20.78 -10.25 36.60
C THR D 37 -21.19 -9.46 37.86
N THR D 38 -21.90 -8.37 37.60
CA THR D 38 -22.76 -7.66 38.54
C THR D 38 -24.09 -7.40 37.88
N ASP D 39 -25.02 -6.84 38.64
CA ASP D 39 -26.27 -6.44 38.02
C ASP D 39 -26.20 -5.02 37.46
N GLU D 40 -25.35 -4.15 38.03
CA GLU D 40 -25.17 -2.83 37.43
C GLU D 40 -24.53 -2.90 36.06
N GLY D 41 -23.80 -3.98 35.75
CA GLY D 41 -23.17 -4.10 34.45
C GLY D 41 -22.15 -3.02 34.19
N THR D 42 -21.36 -2.68 35.22
CA THR D 42 -20.32 -1.68 35.11
C THR D 42 -18.98 -2.39 34.95
N TRP D 43 -18.10 -1.77 34.15
CA TRP D 43 -16.88 -2.41 33.71
C TRP D 43 -15.66 -1.84 34.45
N VAL D 44 -15.48 -2.26 35.71
CA VAL D 44 -14.55 -1.54 36.57
C VAL D 44 -13.10 -1.96 36.40
N ALA D 45 -12.84 -3.24 36.09
CA ALA D 45 -11.46 -3.71 36.07
C ALA D 45 -11.10 -4.27 34.71
N GLY D 46 -9.78 -4.27 34.44
CA GLY D 46 -9.26 -4.87 33.24
C GLY D 46 -8.11 -5.80 33.56
N VAL D 47 -7.83 -6.68 32.61
CA VAL D 47 -6.61 -7.44 32.62
C VAL D 47 -5.89 -7.07 31.35
N PHE D 48 -4.73 -6.46 31.48
CA PHE D 48 -3.94 -6.05 30.33
C PHE D 48 -3.02 -7.19 29.97
N VAL D 49 -3.13 -7.69 28.73
CA VAL D 49 -2.26 -8.78 28.27
C VAL D 49 -1.50 -8.31 27.04
N TYR D 50 -0.18 -8.49 27.06
CA TYR D 50 0.70 -7.91 26.06
C TYR D 50 1.97 -8.72 25.97
N GLY D 51 2.91 -8.23 25.16
CA GLY D 51 4.15 -8.97 24.98
C GLY D 51 3.93 -10.25 24.19
N GLY D 52 4.73 -11.27 24.49
CA GLY D 52 4.65 -12.51 23.74
C GLY D 52 4.99 -12.32 22.28
N SER D 53 4.01 -12.46 21.37
CA SER D 53 4.18 -12.28 19.93
C SER D 53 2.84 -11.90 19.33
N LYS D 54 2.86 -11.32 18.13
CA LYS D 54 1.60 -10.87 17.53
C LYS D 54 0.59 -12.00 17.47
N THR D 55 1.02 -13.17 17.01
CA THR D 55 0.07 -14.25 16.75
C THR D 55 -0.30 -15.00 18.01
N SER D 56 0.69 -15.37 18.84
CA SER D 56 0.35 -16.08 20.07
C SER D 56 -0.42 -15.20 21.05
N LEU D 57 -0.34 -13.86 20.91
CA LEU D 57 -1.35 -13.01 21.57
C LEU D 57 -2.69 -13.17 20.88
N TYR D 58 -2.72 -13.21 19.54
CA TYR D 58 -3.98 -13.33 18.82
C TYR D 58 -4.74 -14.60 19.22
N ASN D 59 -4.03 -15.72 19.37
CA ASN D 59 -4.70 -16.96 19.78
C ASN D 59 -5.27 -16.84 21.19
N LEU D 60 -4.55 -16.15 22.10
CA LEU D 60 -4.96 -16.10 23.48
C LEU D 60 -6.17 -15.19 23.64
N ARG D 61 -6.21 -14.09 22.91
CA ARG D 61 -7.43 -13.31 22.82
C ARG D 61 -8.61 -14.20 22.41
N ARG D 62 -8.44 -14.96 21.31
CA ARG D 62 -9.44 -15.89 20.80
C ARG D 62 -9.74 -17.05 21.72
N GLY D 63 -8.82 -17.42 22.59
CA GLY D 63 -9.11 -18.45 23.57
C GLY D 63 -9.93 -17.86 24.68
N THR D 64 -9.36 -16.83 25.32
CA THR D 64 -10.00 -16.09 26.40
C THR D 64 -11.43 -15.76 26.08
N ALA D 65 -11.77 -15.67 24.78
CA ALA D 65 -13.09 -15.25 24.36
C ALA D 65 -14.11 -16.37 24.48
N LEU D 66 -13.71 -17.62 24.23
CA LEU D 66 -14.64 -18.72 24.37
C LEU D 66 -14.80 -19.16 25.81
N ALA D 67 -13.67 -19.18 26.54
CA ALA D 67 -13.66 -19.49 27.97
C ALA D 67 -14.58 -18.58 28.78
N ILE D 68 -14.65 -17.30 28.42
CA ILE D 68 -15.32 -16.28 29.24
C ILE D 68 -16.32 -15.45 28.44
N PRO D 69 -17.56 -15.90 28.21
CA PRO D 69 -18.56 -14.99 27.62
C PRO D 69 -18.92 -13.81 28.53
N GLN D 70 -18.40 -13.76 29.77
CA GLN D 70 -18.58 -12.65 30.69
C GLN D 70 -17.59 -11.52 30.49
N CYS D 71 -16.58 -11.69 29.66
CA CYS D 71 -15.62 -10.63 29.49
C CYS D 71 -15.94 -9.84 28.23
N ARG D 72 -15.13 -8.81 27.98
CA ARG D 72 -15.08 -8.12 26.70
C ARG D 72 -13.62 -7.82 26.33
N LEU D 73 -13.26 -8.12 25.07
CA LEU D 73 -11.88 -8.01 24.62
C LEU D 73 -11.73 -6.93 23.58
N THR D 74 -10.66 -6.14 23.68
CA THR D 74 -10.33 -5.24 22.60
C THR D 74 -9.87 -6.05 21.40
N PRO D 75 -9.66 -5.42 20.24
CA PRO D 75 -8.81 -6.04 19.22
C PRO D 75 -7.36 -5.89 19.65
N LEU D 76 -6.46 -6.47 18.87
CA LEU D 76 -5.04 -6.22 19.08
C LEU D 76 -4.66 -4.83 18.59
N SER D 77 -3.61 -4.28 19.17
CA SER D 77 -3.06 -3.01 18.76
C SER D 77 -1.72 -2.87 19.46
N ARG D 78 -0.97 -1.80 19.15
CA ARG D 78 0.44 -1.79 19.48
C ARG D 78 0.72 -0.99 20.73
N LEU D 79 1.94 -1.27 21.35
CA LEU D 79 2.48 -0.52 22.48
C LEU D 79 3.49 0.50 22.00
N PRO D 80 3.55 1.65 22.65
CA PRO D 80 4.66 2.58 22.45
C PRO D 80 5.93 2.12 23.16
N PHE D 81 7.05 2.73 22.76
CA PHE D 81 8.34 2.38 23.33
C PHE D 81 8.48 2.97 24.73
N GLY D 82 9.31 2.33 25.55
CA GLY D 82 9.61 2.79 26.90
C GLY D 82 10.82 3.70 26.94
N MET D 83 11.48 3.72 28.08
CA MET D 83 12.60 4.62 28.28
C MET D 83 13.86 4.09 27.59
N ALA D 84 14.56 4.96 26.80
CA ALA D 84 15.84 4.53 26.27
C ALA D 84 16.91 4.66 27.36
N PRO D 85 17.80 3.67 27.49
CA PRO D 85 18.73 3.65 28.63
C PRO D 85 19.90 4.63 28.46
N GLY D 86 19.94 5.63 29.33
CA GLY D 86 20.88 6.71 29.19
C GLY D 86 20.21 7.99 28.72
N PRO D 87 20.74 9.14 29.16
CA PRO D 87 20.15 10.42 28.75
C PRO D 87 20.37 10.77 27.27
N GLY D 88 20.27 9.78 26.39
CA GLY D 88 20.16 10.05 24.97
C GLY D 88 18.75 10.48 24.62
N PRO D 89 18.58 11.02 23.42
CA PRO D 89 17.25 11.47 23.00
C PRO D 89 16.21 10.37 23.16
N GLN D 90 15.07 10.75 23.79
CA GLN D 90 13.92 9.91 24.15
C GLN D 90 12.98 9.67 22.98
N PRO D 91 12.36 8.50 22.92
CA PRO D 91 11.35 8.23 21.89
C PRO D 91 10.23 9.25 22.03
N GLY D 92 9.59 9.58 20.91
CA GLY D 92 8.43 10.43 20.96
C GLY D 92 7.30 9.74 21.72
N PRO D 93 6.35 10.50 22.28
CA PRO D 93 5.17 9.83 22.87
C PRO D 93 4.48 8.90 21.89
N LEU D 94 4.03 9.42 20.75
CA LEU D 94 3.33 8.62 19.75
C LEU D 94 4.11 7.40 19.26
N ARG D 95 5.43 7.36 19.50
CA ARG D 95 6.30 6.25 19.14
C ARG D 95 5.61 4.91 19.33
N GLU D 96 5.68 4.06 18.32
CA GLU D 96 5.02 2.77 18.40
C GLU D 96 6.06 1.69 18.17
N SER D 97 5.69 0.44 18.47
CA SER D 97 6.62 -0.67 18.58
C SER D 97 6.09 -1.91 17.86
N ILE D 98 6.96 -2.93 17.80
CA ILE D 98 6.71 -4.24 17.21
C ILE D 98 5.94 -5.15 18.18
N VAL D 99 5.67 -4.66 19.39
CA VAL D 99 5.02 -5.40 20.46
C VAL D 99 3.53 -5.05 20.48
N CYS D 100 2.70 -6.05 20.77
CA CYS D 100 1.26 -5.88 20.72
C CYS D 100 0.64 -6.09 22.10
N TYR D 101 -0.63 -5.71 22.20
CA TYR D 101 -1.37 -5.79 23.44
C TYR D 101 -2.84 -5.93 23.10
N PHE D 102 -3.59 -6.51 24.02
CA PHE D 102 -5.04 -6.36 24.09
C PHE D 102 -5.45 -6.17 25.55
N MET D 103 -6.71 -5.81 25.76
CA MET D 103 -7.21 -5.62 27.12
C MET D 103 -8.43 -6.50 27.33
N VAL D 104 -8.70 -6.86 28.60
CA VAL D 104 -9.88 -7.64 28.98
C VAL D 104 -10.69 -6.83 29.99
N PHE D 105 -11.83 -6.33 29.56
CA PHE D 105 -12.78 -5.63 30.42
C PHE D 105 -13.64 -6.61 31.23
N LEU D 106 -13.97 -6.23 32.47
CA LEU D 106 -14.57 -7.16 33.41
C LEU D 106 -15.41 -6.37 34.40
N GLN D 107 -16.37 -7.05 35.03
CA GLN D 107 -17.35 -6.35 35.83
C GLN D 107 -17.04 -6.39 37.31
N THR D 108 -16.10 -7.25 37.75
CA THR D 108 -15.71 -7.35 39.15
C THR D 108 -14.20 -7.19 39.31
N HIS D 109 -13.79 -6.71 40.49
CA HIS D 109 -12.36 -6.59 40.80
C HIS D 109 -11.73 -7.87 41.33
N ILE D 110 -12.53 -8.88 41.71
CA ILE D 110 -11.93 -10.16 42.13
C ILE D 110 -11.62 -11.01 40.92
N PHE D 111 -12.64 -11.26 40.08
CA PHE D 111 -12.46 -12.02 38.86
C PHE D 111 -11.32 -11.49 37.99
N ALA D 112 -11.10 -10.17 38.02
CA ALA D 112 -9.88 -9.66 37.39
C ALA D 112 -8.65 -10.40 37.91
N GLU D 113 -8.40 -10.32 39.22
CA GLU D 113 -7.19 -10.95 39.74
C GLU D 113 -7.23 -12.48 39.64
N VAL D 114 -8.41 -13.08 39.46
CA VAL D 114 -8.40 -14.51 39.13
C VAL D 114 -7.88 -14.72 37.72
N LEU D 115 -8.51 -14.03 36.76
CA LEU D 115 -8.17 -14.25 35.36
C LEU D 115 -6.74 -13.83 35.03
N LYS D 116 -6.14 -12.93 35.81
CA LYS D 116 -4.71 -12.69 35.61
C LYS D 116 -3.91 -13.96 35.91
N ASP D 117 -4.20 -14.63 37.04
CA ASP D 117 -3.43 -15.80 37.43
C ASP D 117 -3.69 -16.99 36.52
N ALA D 118 -4.94 -17.17 36.07
CA ALA D 118 -5.22 -18.26 35.15
C ALA D 118 -4.42 -18.09 33.87
N ILE D 119 -4.44 -16.88 33.31
CA ILE D 119 -3.64 -16.64 32.12
C ILE D 119 -2.16 -16.81 32.42
N LYS D 120 -1.68 -16.20 33.51
CA LYS D 120 -0.24 -16.29 33.80
C LYS D 120 0.25 -17.72 33.98
N ASP D 121 -0.65 -18.64 34.35
CA ASP D 121 -0.28 -20.05 34.43
C ASP D 121 -0.71 -20.82 33.19
N LEU D 122 -1.80 -20.42 32.52
CA LEU D 122 -2.10 -21.04 31.22
C LEU D 122 -0.97 -20.81 30.23
N VAL D 123 -0.30 -19.66 30.35
CA VAL D 123 0.86 -19.37 29.52
C VAL D 123 2.13 -20.07 30.03
N MET D 124 2.21 -20.34 31.33
CA MET D 124 3.38 -21.02 31.89
C MET D 124 3.62 -22.37 31.20
N THR D 125 2.55 -23.01 30.73
CA THR D 125 2.59 -24.36 30.22
C THR D 125 2.70 -24.42 28.71
N LYS D 126 2.65 -23.32 28.07
CA LYS D 126 2.82 -23.48 26.65
C LYS D 126 4.23 -23.07 26.22
N PRO D 127 4.76 -23.67 25.15
CA PRO D 127 6.16 -23.40 24.78
C PRO D 127 6.32 -21.96 24.32
N ALA D 128 7.59 -21.57 24.18
CA ALA D 128 7.95 -20.25 23.68
C ALA D 128 7.44 -20.08 22.24
N PRO D 129 7.15 -18.84 21.82
CA PRO D 129 7.32 -17.52 22.46
C PRO D 129 6.19 -17.07 23.41
N THR D 130 5.11 -17.86 23.38
CA THR D 130 3.94 -17.70 24.24
C THR D 130 4.29 -17.36 25.70
N CYS D 131 5.18 -18.15 26.32
CA CYS D 131 5.49 -18.08 27.74
C CYS D 131 6.01 -16.72 28.17
N ASN D 132 6.34 -15.83 27.23
CA ASN D 132 6.79 -14.47 27.49
C ASN D 132 5.66 -13.46 27.49
N ILE D 133 4.42 -13.92 27.37
CA ILE D 133 3.29 -13.01 27.48
C ILE D 133 3.24 -12.45 28.90
N ARG D 134 3.00 -11.16 29.00
CA ARG D 134 2.95 -10.48 30.28
C ARG D 134 1.51 -10.05 30.54
N VAL D 135 1.00 -10.43 31.70
CA VAL D 135 -0.36 -10.15 32.12
C VAL D 135 -0.27 -9.26 33.34
N THR D 136 -0.99 -8.15 33.35
CA THR D 136 -1.05 -7.29 34.53
C THR D 136 -2.50 -6.88 34.75
N VAL D 137 -2.89 -6.74 36.04
CA VAL D 137 -4.25 -6.33 36.36
C VAL D 137 -4.35 -4.82 36.24
N CYS D 138 -5.51 -4.37 35.80
CA CYS D 138 -5.78 -2.98 35.51
C CYS D 138 -7.07 -2.57 36.23
N SER D 139 -7.13 -1.33 36.74
CA SER D 139 -8.36 -0.84 37.38
C SER D 139 -8.73 0.53 36.86
N PHE D 140 -10.04 0.77 36.77
CA PHE D 140 -10.57 2.01 36.21
C PHE D 140 -11.34 2.77 37.29
N ASP D 141 -10.72 3.82 37.81
CA ASP D 141 -11.28 4.52 38.95
C ASP D 141 -12.71 4.95 38.64
N ASP D 142 -12.94 5.40 37.42
CA ASP D 142 -14.26 5.86 36.99
C ASP D 142 -14.97 4.82 36.14
N GLY D 143 -14.33 3.70 35.87
CA GLY D 143 -14.98 2.69 35.06
C GLY D 143 -15.04 3.05 33.59
N VAL D 144 -15.39 2.06 32.78
CA VAL D 144 -15.51 2.20 31.33
C VAL D 144 -16.96 1.91 30.95
N ASP D 145 -17.67 2.94 30.43
CA ASP D 145 -18.97 2.75 29.80
C ASP D 145 -18.68 2.21 28.40
N LEU D 146 -18.67 0.89 28.28
CA LEU D 146 -18.59 0.29 26.97
C LEU D 146 -19.91 0.51 26.24
N PRO D 147 -19.86 0.75 24.92
CA PRO D 147 -21.06 1.01 24.12
C PRO D 147 -22.06 -0.11 24.24
N LYS G 1 -26.08 -18.45 -27.24
CA LYS G 1 -24.64 -18.17 -27.30
C LYS G 1 -24.40 -16.64 -27.22
N GLY G 2 -23.44 -16.18 -26.42
CA GLY G 2 -23.00 -14.79 -26.36
C GLY G 2 -23.57 -13.88 -25.28
N GLY G 3 -22.74 -12.99 -24.76
CA GLY G 3 -23.20 -12.16 -23.66
C GLY G 3 -22.21 -11.95 -22.53
N TRP G 4 -22.51 -12.48 -21.34
CA TRP G 4 -21.69 -12.15 -20.17
C TRP G 4 -21.09 -13.43 -19.57
N PHE G 5 -20.46 -13.23 -18.41
CA PHE G 5 -19.43 -14.09 -17.83
C PHE G 5 -18.92 -13.47 -16.53
N GLY G 6 -18.55 -12.18 -16.58
CA GLY G 6 -18.27 -11.37 -15.41
C GLY G 6 -16.83 -11.03 -15.12
N LYS G 7 -16.08 -10.59 -16.14
CA LYS G 7 -14.67 -10.24 -16.04
C LYS G 7 -14.39 -9.08 -16.98
N HIS G 8 -13.78 -8.01 -16.48
CA HIS G 8 -13.61 -6.81 -17.30
C HIS G 8 -12.30 -6.84 -18.06
N ARG G 9 -12.10 -5.79 -18.84
CA ARG G 9 -10.92 -5.65 -19.70
C ARG G 9 -9.64 -5.65 -18.87
N GLY G 10 -8.66 -6.43 -19.32
CA GLY G 10 -7.40 -6.54 -18.60
C GLY G 10 -7.39 -7.53 -17.45
N GLN G 11 -8.44 -8.35 -17.31
CA GLN G 11 -8.53 -9.32 -16.24
C GLN G 11 -8.82 -10.73 -16.77
N GLY G 12 -8.26 -11.08 -17.93
CA GLY G 12 -8.59 -12.34 -18.56
C GLY G 12 -8.08 -13.54 -17.77
N GLY G 13 -8.78 -14.66 -17.95
CA GLY G 13 -8.55 -15.91 -17.21
C GLY G 13 -7.82 -16.97 -18.01
N SER G 14 -8.15 -18.24 -17.71
CA SER G 14 -7.55 -19.42 -18.32
C SER G 14 -8.59 -20.27 -19.03
N ASN G 15 -8.17 -20.90 -20.14
CA ASN G 15 -9.05 -21.65 -21.02
C ASN G 15 -8.16 -22.70 -21.70
N PRO G 16 -8.67 -23.92 -21.94
CA PRO G 16 -7.85 -24.97 -22.60
C PRO G 16 -7.11 -24.58 -23.89
N LYS G 17 -7.61 -23.57 -24.61
CA LYS G 17 -7.04 -23.21 -25.91
C LYS G 17 -5.79 -22.36 -25.73
N PHE G 18 -5.83 -21.46 -24.75
CA PHE G 18 -4.74 -20.52 -24.52
C PHE G 18 -3.53 -21.18 -23.89
N GLU G 19 -3.75 -22.21 -23.09
CA GLU G 19 -2.65 -22.89 -22.39
C GLU G 19 -1.95 -23.92 -23.25
N ASN G 20 -2.56 -24.35 -24.36
CA ASN G 20 -1.80 -25.09 -25.37
C ASN G 20 -1.00 -24.16 -26.25
N ILE G 21 -1.45 -22.91 -26.42
CA ILE G 21 -0.61 -21.95 -27.13
C ILE G 21 0.54 -21.53 -26.23
N ALA G 22 0.34 -21.58 -24.91
CA ALA G 22 1.43 -21.40 -23.97
C ALA G 22 2.30 -22.67 -23.88
N GLU G 23 1.66 -23.85 -23.86
CA GLU G 23 2.39 -25.11 -24.03
C GLU G 23 3.39 -25.02 -25.19
N GLY G 24 2.96 -24.42 -26.30
CA GLY G 24 3.81 -24.33 -27.47
C GLY G 24 4.91 -23.31 -27.30
N LEU G 25 4.56 -22.16 -26.74
CA LEU G 25 5.54 -21.08 -26.63
C LEU G 25 6.69 -21.45 -25.71
N ARG G 26 6.37 -21.97 -24.51
CA ARG G 26 7.40 -22.20 -23.51
C ARG G 26 8.44 -23.15 -24.04
N ALA G 27 8.01 -24.19 -24.77
CA ALA G 27 8.94 -25.09 -25.42
C ALA G 27 9.98 -24.31 -26.23
N LEU G 28 9.51 -23.47 -27.13
CA LEU G 28 10.41 -22.66 -27.93
C LEU G 28 11.21 -21.68 -27.09
N LEU G 29 10.66 -21.22 -25.97
CA LEU G 29 11.37 -20.27 -25.12
C LEU G 29 12.41 -20.93 -24.24
N ALA G 30 12.35 -22.26 -24.13
CA ALA G 30 13.37 -23.02 -23.41
C ALA G 30 14.62 -23.23 -24.24
N ARG G 31 14.48 -23.28 -25.57
CA ARG G 31 15.63 -23.33 -26.48
C ARG G 31 16.78 -22.43 -26.03
N SER G 32 16.50 -21.28 -25.41
CA SER G 32 17.52 -20.44 -24.78
C SER G 32 17.27 -20.32 -23.28
N HIS G 33 18.25 -20.76 -22.50
CA HIS G 33 18.26 -20.76 -21.04
C HIS G 33 18.62 -19.36 -20.52
N VAL G 34 17.93 -18.31 -20.97
CA VAL G 34 18.23 -16.93 -20.57
C VAL G 34 17.25 -16.50 -19.51
N GLU G 35 17.63 -15.50 -18.73
CA GLU G 35 16.75 -15.06 -17.64
C GLU G 35 15.87 -13.91 -18.15
N ARG G 36 14.69 -13.77 -17.52
CA ARG G 36 13.62 -12.95 -18.06
C ARG G 36 13.31 -11.73 -17.20
N THR G 37 13.87 -11.64 -15.99
CA THR G 37 13.79 -10.43 -15.18
C THR G 37 15.19 -9.86 -14.97
N THR G 38 15.20 -8.63 -14.47
CA THR G 38 16.40 -7.91 -14.11
C THR G 38 16.16 -7.28 -12.74
N ASP G 39 17.25 -6.83 -12.12
CA ASP G 39 17.15 -6.38 -10.74
C ASP G 39 16.37 -5.07 -10.66
N GLU G 40 16.67 -4.12 -11.56
CA GLU G 40 16.15 -2.75 -11.52
C GLU G 40 14.71 -2.64 -12.00
N GLY G 41 14.19 -3.67 -12.65
CA GLY G 41 12.82 -3.71 -13.12
C GLY G 41 12.46 -2.70 -14.20
N THR G 42 13.43 -2.00 -14.78
CA THR G 42 13.15 -1.05 -15.83
C THR G 42 12.72 -1.79 -17.09
N TRP G 43 11.76 -1.20 -17.82
CA TRP G 43 11.24 -1.79 -19.06
C TRP G 43 11.98 -1.15 -20.21
N VAL G 44 12.96 -1.87 -20.74
CA VAL G 44 13.88 -1.33 -21.73
C VAL G 44 13.72 -2.03 -23.06
N ALA G 45 12.78 -2.95 -23.18
CA ALA G 45 12.72 -3.73 -24.41
C ALA G 45 11.34 -4.34 -24.57
N GLY G 46 11.01 -4.65 -25.81
CA GLY G 46 9.66 -5.06 -26.17
C GLY G 46 9.65 -5.89 -27.38
N VAL G 47 8.59 -6.67 -27.56
CA VAL G 47 8.35 -7.44 -28.75
C VAL G 47 7.05 -6.91 -29.33
N PHE G 48 7.11 -6.45 -30.57
CA PHE G 48 5.98 -5.86 -31.26
C PHE G 48 5.35 -6.93 -32.16
N VAL G 49 4.09 -7.28 -31.88
CA VAL G 49 3.45 -8.40 -32.54
C VAL G 49 2.22 -7.90 -33.29
N TYR G 50 2.04 -8.36 -34.52
CA TYR G 50 1.04 -7.70 -35.35
C TYR G 50 0.77 -8.52 -36.60
N GLY G 51 -0.34 -8.22 -37.23
CA GLY G 51 -0.69 -8.89 -38.45
C GLY G 51 -1.51 -10.14 -38.20
N GLY G 52 -1.59 -10.95 -39.26
CA GLY G 52 -2.56 -12.03 -39.32
C GLY G 52 -3.92 -11.39 -39.27
N SER G 53 -4.79 -11.96 -38.43
CA SER G 53 -6.14 -11.47 -38.21
C SER G 53 -6.32 -11.13 -36.74
N LYS G 54 -7.43 -10.42 -36.43
CA LYS G 54 -7.75 -10.04 -35.06
C LYS G 54 -7.83 -11.25 -34.13
N THR G 55 -8.61 -12.28 -34.51
CA THR G 55 -8.84 -13.41 -33.62
C THR G 55 -7.54 -14.12 -33.27
N SER G 56 -6.68 -14.30 -34.28
CA SER G 56 -5.44 -15.06 -34.11
C SER G 56 -4.46 -14.33 -33.19
N LEU G 57 -4.13 -13.07 -33.53
CA LEU G 57 -3.32 -12.21 -32.65
C LEU G 57 -3.83 -12.24 -31.21
N TYR G 58 -5.15 -12.19 -31.01
CA TYR G 58 -5.64 -12.28 -29.65
C TYR G 58 -5.23 -13.61 -29.00
N ASN G 59 -5.50 -14.74 -29.68
CA ASN G 59 -5.25 -16.03 -29.05
C ASN G 59 -3.76 -16.22 -28.76
N LEU G 60 -2.90 -15.61 -29.57
CA LEU G 60 -1.45 -15.61 -29.31
C LEU G 60 -1.09 -14.76 -28.10
N ARG G 61 -1.64 -13.55 -28.01
CA ARG G 61 -1.47 -12.70 -26.82
C ARG G 61 -1.94 -13.41 -25.57
N ARG G 62 -3.15 -13.97 -25.62
CA ARG G 62 -3.63 -14.73 -24.46
C ARG G 62 -2.60 -15.77 -24.02
N GLY G 63 -1.98 -16.44 -24.99
CA GLY G 63 -1.03 -17.49 -24.68
C GLY G 63 0.28 -16.94 -24.13
N THR G 64 0.74 -15.82 -24.67
CA THR G 64 1.94 -15.17 -24.18
C THR G 64 1.76 -14.69 -22.74
N ALA G 65 0.51 -14.39 -22.35
CA ALA G 65 0.26 -14.00 -20.96
C ALA G 65 0.56 -15.15 -20.02
N LEU G 66 0.43 -16.38 -20.51
CA LEU G 66 0.55 -17.57 -19.70
C LEU G 66 1.98 -18.10 -19.66
N ALA G 67 2.71 -17.94 -20.77
CA ALA G 67 4.08 -18.42 -20.90
C ALA G 67 5.10 -17.46 -20.29
N ILE G 68 4.73 -16.19 -20.10
CA ILE G 68 5.68 -15.17 -19.64
C ILE G 68 5.00 -14.23 -18.64
N PRO G 69 4.75 -14.64 -17.40
CA PRO G 69 4.14 -13.70 -16.43
C PRO G 69 5.06 -12.57 -15.99
N GLN G 70 6.34 -12.61 -16.41
CA GLN G 70 7.39 -11.61 -16.17
C GLN G 70 7.33 -10.45 -17.15
N CYS G 71 6.30 -10.39 -17.98
CA CYS G 71 6.11 -9.37 -18.99
C CYS G 71 4.76 -8.69 -18.79
N ARG G 72 4.60 -7.55 -19.44
CA ARG G 72 3.35 -6.80 -19.43
C ARG G 72 2.86 -6.58 -20.85
N LEU G 73 1.53 -6.61 -21.02
CA LEU G 73 0.94 -6.71 -22.34
C LEU G 73 -0.10 -5.63 -22.59
N THR G 74 0.10 -4.88 -23.67
CA THR G 74 -0.90 -3.96 -24.18
C THR G 74 -2.07 -4.71 -24.79
N PRO G 75 -3.25 -4.10 -24.82
CA PRO G 75 -4.34 -4.68 -25.58
C PRO G 75 -4.20 -4.39 -27.06
N LEU G 76 -4.94 -5.17 -27.83
CA LEU G 76 -5.01 -5.03 -29.28
C LEU G 76 -5.62 -3.68 -29.69
N SER G 77 -4.84 -2.83 -30.39
CA SER G 77 -5.40 -1.68 -31.11
C SER G 77 -5.23 -1.93 -32.62
N ARG G 78 -5.22 -0.90 -33.48
CA ARG G 78 -5.01 -1.12 -34.92
C ARG G 78 -3.87 -0.23 -35.43
N LEU G 79 -3.31 -0.62 -36.68
CA LEU G 79 -2.13 0.05 -37.22
C LEU G 79 -2.52 1.18 -38.17
N PRO G 80 -1.70 2.23 -38.26
CA PRO G 80 -1.89 3.20 -39.33
C PRO G 80 -1.35 2.70 -40.65
N PHE G 81 -1.98 3.14 -41.75
CA PHE G 81 -1.58 2.75 -43.09
C PHE G 81 -0.12 3.05 -43.38
N GLY G 82 0.42 2.41 -44.44
CA GLY G 82 1.83 2.55 -44.79
C GLY G 82 2.19 3.70 -45.72
N MET G 83 2.99 3.41 -46.74
CA MET G 83 3.16 4.34 -47.85
C MET G 83 2.10 4.06 -48.91
N ALA G 84 1.71 5.10 -49.62
CA ALA G 84 0.76 4.85 -50.69
C ALA G 84 1.48 4.37 -51.95
N PRO G 85 0.79 3.65 -52.84
CA PRO G 85 1.43 3.20 -54.08
C PRO G 85 1.53 4.34 -55.09
N GLY G 86 2.75 4.61 -55.54
CA GLY G 86 2.94 5.69 -56.49
C GLY G 86 3.12 7.02 -55.82
N PRO G 87 3.21 8.08 -56.62
CA PRO G 87 3.72 9.36 -56.11
C PRO G 87 2.65 10.39 -55.81
N GLY G 88 1.48 9.93 -55.40
CA GLY G 88 0.43 10.84 -55.05
C GLY G 88 0.57 11.35 -53.65
N PRO G 89 -0.38 12.19 -53.25
CA PRO G 89 -0.58 12.45 -51.82
C PRO G 89 -0.67 11.16 -51.01
N GLN G 90 0.15 11.08 -49.95
CA GLN G 90 0.18 9.93 -49.06
C GLN G 90 -0.99 9.96 -48.07
N PRO G 91 -1.30 8.83 -47.43
CA PRO G 91 -2.42 8.87 -46.47
C PRO G 91 -2.07 9.72 -45.24
N GLY G 92 -3.14 10.18 -44.57
CA GLY G 92 -3.00 11.04 -43.42
C GLY G 92 -2.59 10.21 -42.22
N PRO G 93 -1.55 10.68 -41.48
CA PRO G 93 -1.02 9.88 -40.35
C PRO G 93 -2.07 9.19 -39.49
N LEU G 94 -3.20 9.86 -39.24
CA LEU G 94 -4.19 9.32 -38.32
C LEU G 94 -4.92 8.08 -38.85
N ARG G 95 -5.01 7.91 -40.18
CA ARG G 95 -5.68 6.78 -40.84
C ARG G 95 -5.55 5.44 -40.14
N GLU G 96 -6.65 4.69 -40.06
CA GLU G 96 -6.61 3.42 -39.35
C GLU G 96 -7.04 2.27 -40.26
N SER G 97 -6.21 1.23 -40.29
CA SER G 97 -6.43 0.02 -41.08
C SER G 97 -6.95 -1.12 -40.19
N ILE G 98 -7.32 -2.25 -40.82
CA ILE G 98 -8.00 -3.36 -40.15
C ILE G 98 -7.06 -4.31 -39.43
N VAL G 99 -5.76 -4.22 -39.69
CA VAL G 99 -4.79 -5.13 -39.09
C VAL G 99 -4.48 -4.66 -37.68
N CYS G 100 -4.55 -5.59 -36.73
CA CYS G 100 -4.35 -5.29 -35.33
C CYS G 100 -2.89 -5.51 -34.97
N TYR G 101 -2.57 -5.22 -33.70
CA TYR G 101 -1.22 -5.31 -33.16
C TYR G 101 -1.35 -5.33 -31.66
N PHE G 102 -0.31 -5.82 -31.00
CA PHE G 102 -0.16 -5.67 -29.56
C PHE G 102 1.31 -5.62 -29.26
N MET G 103 1.62 -5.28 -28.01
CA MET G 103 3.01 -5.08 -27.63
C MET G 103 3.30 -5.96 -26.42
N VAL G 104 4.56 -6.32 -26.26
CA VAL G 104 5.02 -7.06 -25.10
C VAL G 104 6.02 -6.18 -24.40
N PHE G 105 5.77 -5.88 -23.15
CA PHE G 105 6.82 -5.21 -22.40
C PHE G 105 7.65 -6.25 -21.67
N LEU G 106 8.95 -6.00 -21.60
CA LEU G 106 9.92 -6.90 -21.02
C LEU G 106 11.04 -6.06 -20.43
N GLN G 107 11.98 -6.75 -19.76
CA GLN G 107 13.06 -6.09 -19.05
C GLN G 107 14.44 -6.40 -19.58
N THR G 108 14.66 -7.52 -20.27
CA THR G 108 15.99 -7.83 -20.78
C THR G 108 15.95 -7.73 -22.30
N HIS G 109 16.99 -7.11 -22.88
CA HIS G 109 17.07 -7.04 -24.34
C HIS G 109 17.13 -8.43 -24.97
N ILE G 110 17.57 -9.44 -24.20
CA ILE G 110 17.87 -10.76 -24.73
C ILE G 110 16.60 -11.61 -24.86
N PHE G 111 15.84 -11.72 -23.75
CA PHE G 111 14.62 -12.50 -23.79
C PHE G 111 13.66 -11.98 -24.82
N ALA G 112 13.70 -10.66 -25.10
CA ALA G 112 12.98 -10.12 -26.23
C ALA G 112 13.28 -10.91 -27.50
N GLU G 113 14.58 -11.03 -27.82
CA GLU G 113 15.00 -11.73 -29.02
C GLU G 113 14.58 -13.20 -28.98
N VAL G 114 14.54 -13.79 -27.78
CA VAL G 114 14.13 -15.19 -27.64
C VAL G 114 12.64 -15.33 -27.84
N LEU G 115 11.87 -14.38 -27.33
CA LEU G 115 10.44 -14.36 -27.62
C LEU G 115 10.18 -14.00 -29.07
N LYS G 116 10.94 -13.05 -29.63
CA LYS G 116 10.85 -12.83 -31.05
C LYS G 116 10.99 -14.15 -31.80
N ASP G 117 12.15 -14.79 -31.65
CA ASP G 117 12.43 -16.07 -32.32
C ASP G 117 11.47 -17.17 -31.92
N ALA G 118 10.87 -17.11 -30.73
CA ALA G 118 9.88 -18.14 -30.38
C ALA G 118 8.57 -17.90 -31.12
N ILE G 119 8.08 -16.67 -31.13
CA ILE G 119 6.85 -16.40 -31.86
C ILE G 119 7.03 -16.68 -33.35
N LYS G 120 8.16 -16.26 -33.95
CA LYS G 120 8.35 -16.45 -35.38
C LYS G 120 8.26 -17.91 -35.76
N ASP G 121 8.75 -18.82 -34.90
CA ASP G 121 8.76 -20.25 -35.19
C ASP G 121 7.47 -20.94 -34.75
N LEU G 122 6.89 -20.50 -33.64
CA LEU G 122 5.57 -20.99 -33.23
C LEU G 122 4.56 -20.81 -34.35
N VAL G 123 4.72 -19.75 -35.14
CA VAL G 123 3.66 -19.30 -36.03
C VAL G 123 3.83 -19.88 -37.43
N MET G 124 5.06 -19.83 -37.94
CA MET G 124 5.49 -20.35 -39.23
C MET G 124 4.89 -21.70 -39.60
N THR G 125 4.67 -22.53 -38.57
CA THR G 125 4.27 -23.91 -38.77
C THR G 125 2.77 -24.05 -38.97
N LYS G 126 2.00 -23.14 -38.37
CA LYS G 126 0.55 -23.26 -38.42
C LYS G 126 -0.01 -22.80 -39.76
N PRO G 127 -1.28 -23.12 -40.06
CA PRO G 127 -1.93 -22.64 -41.28
C PRO G 127 -2.50 -21.24 -41.05
N ALA G 128 -2.94 -20.60 -42.15
CA ALA G 128 -3.45 -19.24 -42.12
C ALA G 128 -4.62 -19.16 -41.13
N PRO G 129 -4.89 -17.96 -40.60
CA PRO G 129 -4.19 -16.70 -40.87
C PRO G 129 -2.98 -16.48 -39.97
N THR G 130 -2.72 -17.44 -39.06
CA THR G 130 -1.66 -17.26 -38.07
C THR G 130 -0.32 -16.90 -38.71
N CYS G 131 0.02 -17.54 -39.85
CA CYS G 131 1.26 -17.26 -40.57
C CYS G 131 1.46 -15.77 -40.84
N ASN G 132 0.37 -15.06 -41.16
CA ASN G 132 0.50 -13.65 -41.49
C ASN G 132 0.81 -12.79 -40.27
N ILE G 133 0.94 -13.40 -39.09
CA ILE G 133 1.47 -12.69 -37.93
C ILE G 133 2.94 -12.38 -38.15
N ARG G 134 3.31 -11.12 -37.96
CA ARG G 134 4.70 -10.74 -38.01
C ARG G 134 5.18 -10.28 -36.63
N VAL G 135 6.49 -10.37 -36.40
CA VAL G 135 7.07 -10.02 -35.11
C VAL G 135 8.38 -9.27 -35.32
N THR G 136 8.55 -8.15 -34.61
CA THR G 136 9.84 -7.51 -34.46
C THR G 136 10.14 -7.27 -32.98
N VAL G 137 11.34 -6.75 -32.74
CA VAL G 137 11.88 -6.48 -31.41
C VAL G 137 12.10 -4.97 -31.32
N CYS G 138 11.58 -4.33 -30.29
CA CYS G 138 11.82 -2.90 -30.08
C CYS G 138 12.64 -2.68 -28.82
N SER G 139 13.32 -1.53 -28.75
CA SER G 139 14.19 -1.22 -27.61
C SER G 139 14.22 0.28 -27.34
N PHE G 140 13.57 0.65 -26.24
CA PHE G 140 13.26 2.02 -25.84
C PHE G 140 14.46 2.66 -25.16
N ASP G 141 14.94 3.80 -25.70
CA ASP G 141 16.21 4.38 -25.24
C ASP G 141 16.15 4.86 -23.79
N ASP G 142 15.12 5.61 -23.45
CA ASP G 142 14.95 6.20 -22.13
C ASP G 142 14.21 5.29 -21.16
N GLY G 143 13.96 4.04 -21.54
CA GLY G 143 13.09 3.19 -20.77
C GLY G 143 11.65 3.66 -20.85
N VAL G 144 10.73 2.79 -20.44
CA VAL G 144 9.31 3.11 -20.34
C VAL G 144 8.91 2.99 -18.88
N ASP G 145 8.07 3.94 -18.42
CA ASP G 145 7.60 3.99 -17.04
C ASP G 145 6.18 3.44 -16.96
N LEU G 146 6.05 2.12 -17.04
CA LEU G 146 4.76 1.52 -16.74
C LEU G 146 4.33 1.89 -15.32
N PRO G 147 3.02 2.08 -15.09
CA PRO G 147 2.51 2.44 -13.76
C PRO G 147 2.82 1.41 -12.65
N LYS H 1 -25.01 19.50 -27.60
CA LYS H 1 -23.63 19.08 -27.42
C LYS H 1 -23.44 17.56 -27.64
N GLY H 2 -22.24 17.15 -28.05
CA GLY H 2 -21.94 15.77 -28.37
C GLY H 2 -22.81 15.18 -29.47
N GLY H 3 -22.47 13.96 -29.90
CA GLY H 3 -23.26 13.20 -30.85
C GLY H 3 -22.41 12.66 -31.97
N TRP H 4 -23.07 12.18 -33.02
CA TRP H 4 -22.37 11.62 -34.18
C TRP H 4 -22.07 12.71 -35.21
N PHE H 5 -20.76 12.92 -35.50
CA PHE H 5 -20.31 14.06 -36.31
C PHE H 5 -19.75 13.65 -37.67
N GLY H 6 -20.08 12.44 -38.16
CA GLY H 6 -19.82 12.07 -39.54
C GLY H 6 -18.47 11.48 -39.79
N LYS H 7 -17.55 11.57 -38.83
CA LYS H 7 -16.13 11.32 -39.05
C LYS H 7 -15.74 10.05 -38.32
N HIS H 8 -15.38 9.00 -39.07
CA HIS H 8 -15.00 7.72 -38.49
C HIS H 8 -13.54 7.72 -38.08
N ARG H 9 -13.14 6.62 -37.47
CA ARG H 9 -11.83 6.53 -36.83
C ARG H 9 -10.72 6.80 -37.84
N GLY H 10 -9.75 7.59 -37.42
CA GLY H 10 -8.64 7.97 -38.27
C GLY H 10 -8.98 8.96 -39.36
N GLN H 11 -10.19 9.52 -39.34
CA GLN H 11 -10.57 10.57 -40.27
C GLN H 11 -10.83 11.87 -39.54
N GLY H 12 -10.02 12.18 -38.54
CA GLY H 12 -10.13 13.47 -37.86
C GLY H 12 -9.60 14.58 -38.75
N GLY H 13 -10.29 15.71 -38.74
CA GLY H 13 -9.94 16.85 -39.56
C GLY H 13 -9.08 17.87 -38.84
N SER H 14 -9.06 19.10 -39.38
CA SER H 14 -8.26 20.21 -38.86
C SER H 14 -9.18 21.25 -38.23
N ASN H 15 -8.75 21.84 -37.10
CA ASN H 15 -9.43 22.96 -36.46
C ASN H 15 -8.40 23.85 -35.76
N PRO H 16 -8.66 25.17 -35.68
CA PRO H 16 -7.65 26.10 -35.13
C PRO H 16 -6.98 25.70 -33.80
N LYS H 17 -7.55 24.69 -33.13
CA LYS H 17 -6.98 24.17 -31.89
C LYS H 17 -5.74 23.34 -32.14
N PHE H 18 -5.85 22.33 -33.00
CA PHE H 18 -4.77 21.39 -33.23
C PHE H 18 -3.63 21.97 -34.08
N GLU H 19 -3.88 22.87 -35.02
CA GLU H 19 -2.67 23.45 -35.60
C GLU H 19 -2.03 24.41 -34.66
N ASN H 20 -2.73 24.82 -33.59
CA ASN H 20 -2.05 25.58 -32.54
C ASN H 20 -1.17 24.67 -31.66
N ILE H 21 -1.34 23.37 -31.76
CA ILE H 21 -0.40 22.39 -31.22
C ILE H 21 0.66 22.01 -32.23
N ALA H 22 0.28 21.94 -33.51
CA ALA H 22 1.22 21.56 -34.56
C ALA H 22 2.20 22.68 -34.90
N GLU H 23 1.75 23.95 -34.89
CA GLU H 23 2.66 25.04 -35.24
C GLU H 23 3.84 25.10 -34.27
N GLY H 24 3.61 24.75 -33.01
CA GLY H 24 4.67 24.80 -32.01
C GLY H 24 5.69 23.69 -32.17
N LEU H 25 5.21 22.48 -32.52
CA LEU H 25 6.13 21.41 -32.94
C LEU H 25 6.94 21.78 -34.18
N ARG H 26 6.31 22.46 -35.15
CA ARG H 26 7.04 22.84 -36.35
C ARG H 26 8.20 23.79 -36.06
N ALA H 27 8.01 24.80 -35.20
CA ALA H 27 9.09 25.71 -34.81
C ALA H 27 10.28 24.97 -34.19
N LEU H 28 10.00 23.95 -33.37
CA LEU H 28 11.09 23.15 -32.85
C LEU H 28 11.74 22.30 -33.94
N LEU H 29 10.98 21.96 -34.99
CA LEU H 29 11.46 21.06 -36.02
C LEU H 29 12.10 21.76 -37.21
N ALA H 30 11.75 23.01 -37.50
CA ALA H 30 12.40 23.71 -38.60
C ALA H 30 13.76 24.30 -38.23
N ARG H 31 14.30 23.98 -37.07
CA ARG H 31 15.69 24.34 -36.79
C ARG H 31 16.66 23.28 -37.27
N SER H 32 16.25 22.01 -37.23
CA SER H 32 17.02 20.92 -37.78
C SER H 32 16.41 20.51 -39.12
N HIS H 33 17.18 20.64 -40.20
CA HIS H 33 16.86 19.98 -41.46
C HIS H 33 17.52 18.60 -41.45
N VAL H 34 16.77 17.62 -40.96
CA VAL H 34 17.11 16.22 -41.13
C VAL H 34 16.04 15.59 -42.01
N GLU H 35 16.37 14.40 -42.50
CA GLU H 35 15.64 13.75 -43.55
C GLU H 35 14.56 12.89 -42.92
N ARG H 36 13.29 13.14 -43.28
CA ARG H 36 12.18 12.47 -42.62
C ARG H 36 11.80 11.14 -43.27
N THR H 37 12.10 10.98 -44.56
CA THR H 37 11.73 9.82 -45.34
C THR H 37 12.97 9.15 -45.93
N THR H 38 12.80 7.92 -46.38
CA THR H 38 13.84 7.15 -47.06
C THR H 38 13.34 6.63 -48.40
N ASP H 39 14.28 6.25 -49.25
CA ASP H 39 13.89 5.57 -50.46
C ASP H 39 13.35 4.18 -50.15
N GLU H 40 13.93 3.52 -49.14
CA GLU H 40 13.54 2.15 -48.80
C GLU H 40 12.06 2.08 -48.47
N GLY H 41 11.52 3.12 -47.85
CA GLY H 41 10.11 3.14 -47.47
C GLY H 41 9.76 2.25 -46.30
N THR H 42 10.74 1.96 -45.42
CA THR H 42 10.55 1.04 -44.30
C THR H 42 10.41 1.85 -43.02
N TRP H 43 9.57 1.34 -42.13
CA TRP H 43 9.23 2.00 -40.87
C TRP H 43 10.09 1.43 -39.74
N VAL H 44 11.24 2.06 -39.48
CA VAL H 44 12.22 1.44 -38.59
C VAL H 44 12.29 2.05 -37.22
N ALA H 45 11.53 3.12 -36.93
CA ALA H 45 11.77 3.77 -35.66
C ALA H 45 10.53 4.49 -35.14
N GLY H 46 10.25 4.36 -33.84
CA GLY H 46 9.04 4.91 -33.26
C GLY H 46 9.31 5.83 -32.11
N VAL H 47 8.40 6.77 -31.90
CA VAL H 47 8.34 7.52 -30.67
C VAL H 47 7.20 6.95 -29.86
N PHE H 48 7.45 6.67 -28.61
CA PHE H 48 6.46 6.09 -27.72
C PHE H 48 6.00 7.21 -26.79
N VAL H 49 4.78 7.69 -26.99
CA VAL H 49 4.26 8.81 -26.22
C VAL H 49 3.15 8.31 -25.32
N TYR H 50 3.18 8.71 -24.06
CA TYR H 50 2.27 8.20 -23.05
C TYR H 50 2.32 9.11 -21.84
N GLY H 51 1.52 8.76 -20.84
CA GLY H 51 1.42 9.58 -19.66
C GLY H 51 0.47 10.75 -19.89
N GLY H 52 0.61 11.80 -19.04
CA GLY H 52 -0.19 13.00 -19.19
C GLY H 52 -1.65 12.94 -18.71
N SER H 53 -2.56 12.54 -19.62
CA SER H 53 -4.02 12.43 -19.45
C SER H 53 -4.57 11.91 -20.76
N LYS H 54 -5.78 11.30 -20.70
CA LYS H 54 -6.36 10.72 -21.91
C LYS H 54 -6.58 11.77 -23.00
N THR H 55 -6.95 12.97 -22.60
CA THR H 55 -7.40 13.98 -23.57
C THR H 55 -6.24 14.81 -24.11
N SER H 56 -5.33 15.28 -23.24
CA SER H 56 -4.15 15.99 -23.74
C SER H 56 -3.26 15.06 -24.59
N LEU H 57 -3.22 13.76 -24.26
CA LEU H 57 -2.58 12.80 -25.16
C LEU H 57 -3.35 12.69 -26.47
N TYR H 58 -4.69 12.74 -26.43
CA TYR H 58 -5.42 12.76 -27.69
C TYR H 58 -5.09 14.00 -28.51
N ASN H 59 -5.02 15.16 -27.85
CA ASN H 59 -4.68 16.41 -28.56
C ASN H 59 -3.25 16.35 -29.12
N LEU H 60 -2.29 15.89 -28.30
CA LEU H 60 -0.90 15.84 -28.74
C LEU H 60 -0.72 14.92 -29.94
N ARG H 61 -1.48 13.82 -29.96
CA ARG H 61 -1.55 12.98 -31.15
C ARG H 61 -2.14 13.73 -32.33
N ARG H 62 -3.20 14.53 -32.10
CA ARG H 62 -3.86 15.24 -33.20
C ARG H 62 -3.04 16.38 -33.76
N GLY H 63 -2.19 16.98 -32.93
CA GLY H 63 -1.28 18.00 -33.42
C GLY H 63 -0.10 17.39 -34.15
N THR H 64 0.44 16.31 -33.58
CA THR H 64 1.52 15.59 -34.23
C THR H 64 1.09 15.08 -35.59
N ALA H 65 -0.22 14.88 -35.77
CA ALA H 65 -0.73 14.46 -37.06
C ALA H 65 -0.53 15.54 -38.12
N LEU H 66 -0.71 16.80 -37.73
CA LEU H 66 -0.65 17.92 -38.67
C LEU H 66 0.78 18.40 -38.93
N ALA H 67 1.63 18.34 -37.89
CA ALA H 67 3.02 18.77 -38.00
C ALA H 67 3.86 17.85 -38.90
N ILE H 68 3.51 16.57 -38.97
CA ILE H 68 4.41 15.60 -39.60
C ILE H 68 3.59 14.69 -40.52
N PRO H 69 3.22 15.12 -41.72
CA PRO H 69 2.53 14.19 -42.65
C PRO H 69 3.46 13.08 -43.15
N GLN H 70 4.68 13.04 -42.57
CA GLN H 70 5.62 11.93 -42.74
C GLN H 70 5.43 10.84 -41.70
N CYS H 71 4.94 11.17 -40.51
CA CYS H 71 4.81 10.10 -39.55
C CYS H 71 3.53 9.30 -39.82
N ARG H 72 3.39 8.19 -39.08
CA ARG H 72 2.14 7.45 -38.94
C ARG H 72 1.85 7.29 -37.45
N LEU H 73 0.58 7.40 -37.07
CA LEU H 73 0.17 7.35 -35.68
C LEU H 73 -0.84 6.25 -35.42
N THR H 74 -0.68 5.60 -34.30
CA THR H 74 -1.70 4.66 -33.87
C THR H 74 -2.84 5.43 -33.23
N PRO H 75 -3.98 4.77 -33.01
CA PRO H 75 -4.96 5.33 -32.08
C PRO H 75 -4.39 5.28 -30.67
N LEU H 76 -5.17 5.82 -29.73
CA LEU H 76 -4.84 5.63 -28.33
C LEU H 76 -5.16 4.21 -27.88
N SER H 77 -4.38 3.74 -26.93
CA SER H 77 -4.62 2.46 -26.30
C SER H 77 -4.02 2.55 -24.91
N ARG H 78 -4.27 1.52 -24.09
CA ARG H 78 -3.89 1.65 -22.69
C ARG H 78 -2.58 0.96 -22.41
N LEU H 79 -2.01 1.29 -21.27
CA LEU H 79 -0.80 0.66 -20.81
C LEU H 79 -1.12 -0.34 -19.73
N PRO H 80 -0.31 -1.38 -19.60
CA PRO H 80 -0.38 -2.27 -18.44
C PRO H 80 0.47 -1.80 -17.26
N PHE H 81 0.09 -2.32 -16.09
CA PHE H 81 0.76 -1.96 -14.85
C PHE H 81 2.17 -2.52 -14.82
N GLY H 82 3.07 -1.79 -14.19
CA GLY H 82 4.43 -2.25 -13.97
C GLY H 82 4.50 -3.26 -12.85
N MET H 83 5.62 -3.27 -12.15
CA MET H 83 5.86 -4.34 -11.20
C MET H 83 5.59 -3.82 -9.79
N ALA H 84 4.53 -4.33 -9.16
CA ALA H 84 4.07 -3.85 -7.86
C ALA H 84 5.21 -3.84 -6.84
N PRO H 85 5.22 -2.84 -5.90
CA PRO H 85 6.38 -2.67 -5.02
C PRO H 85 6.28 -3.49 -3.74
N GLY H 86 5.34 -3.10 -2.87
CA GLY H 86 4.94 -3.90 -1.73
C GLY H 86 4.34 -5.23 -2.17
N PRO H 87 4.81 -6.31 -1.56
CA PRO H 87 4.59 -7.65 -2.13
C PRO H 87 3.14 -7.93 -2.48
N GLY H 88 2.93 -8.57 -3.62
CA GLY H 88 1.59 -8.83 -4.08
C GLY H 88 1.52 -10.06 -4.96
N PRO H 89 0.31 -10.61 -5.09
CA PRO H 89 0.05 -11.52 -6.21
C PRO H 89 0.20 -10.76 -7.52
N GLN H 90 1.47 -10.49 -7.93
CA GLN H 90 1.88 -9.64 -9.04
C GLN H 90 0.84 -9.37 -10.12
N PRO H 91 0.79 -8.12 -10.61
CA PRO H 91 -0.11 -7.80 -11.72
C PRO H 91 -0.16 -8.90 -12.77
N GLY H 92 -1.37 -9.28 -13.17
CA GLY H 92 -1.53 -10.17 -14.29
C GLY H 92 -1.00 -9.53 -15.56
N PRO H 93 -0.46 -10.34 -16.48
CA PRO H 93 0.18 -9.76 -17.67
C PRO H 93 -0.76 -8.93 -18.51
N LEU H 94 -2.06 -9.24 -18.49
CA LEU H 94 -3.10 -8.51 -19.22
C LEU H 94 -3.59 -7.27 -18.50
N ARG H 95 -3.10 -7.02 -17.28
CA ARG H 95 -3.52 -5.88 -16.45
C ARG H 95 -3.62 -4.58 -17.25
N GLU H 96 -4.71 -3.84 -17.05
CA GLU H 96 -4.97 -2.61 -17.79
C GLU H 96 -5.05 -1.42 -16.83
N SER H 97 -4.49 -0.29 -17.23
CA SER H 97 -4.48 0.92 -16.42
C SER H 97 -5.26 2.02 -17.12
N ILE H 98 -5.58 3.09 -16.36
CA ILE H 98 -6.24 4.25 -16.94
C ILE H 98 -5.25 5.14 -17.69
N VAL H 99 -4.01 4.68 -17.86
CA VAL H 99 -2.93 5.47 -18.47
C VAL H 99 -2.80 5.09 -19.95
N CYS H 100 -2.76 6.10 -20.81
CA CYS H 100 -2.82 5.91 -22.25
C CYS H 100 -1.48 6.05 -22.94
N TYR H 101 -1.40 5.47 -24.14
CA TYR H 101 -0.25 5.66 -25.01
C TYR H 101 -0.71 5.73 -26.46
N PHE H 102 0.15 6.30 -27.29
CA PHE H 102 0.10 6.15 -28.73
C PHE H 102 1.54 6.08 -29.24
N MET H 103 1.71 5.58 -30.46
CA MET H 103 3.04 5.51 -31.02
C MET H 103 3.09 6.23 -32.35
N VAL H 104 4.27 6.75 -32.67
CA VAL H 104 4.56 7.54 -33.85
C VAL H 104 5.56 6.72 -34.68
N PHE H 105 5.09 6.11 -35.76
CA PHE H 105 5.97 5.37 -36.65
C PHE H 105 6.73 6.31 -37.58
N LEU H 106 8.02 6.01 -37.81
CA LEU H 106 8.91 6.92 -38.55
C LEU H 106 9.84 6.10 -39.44
N GLN H 107 10.45 6.79 -40.42
CA GLN H 107 11.27 6.10 -41.39
C GLN H 107 12.76 6.23 -41.17
N THR H 108 13.23 7.27 -40.47
CA THR H 108 14.65 7.44 -40.24
C THR H 108 14.93 7.37 -38.75
N HIS H 109 16.12 6.88 -38.41
CA HIS H 109 16.52 6.87 -37.01
C HIS H 109 16.90 8.24 -36.47
N ILE H 110 17.26 9.22 -37.32
CA ILE H 110 17.57 10.56 -36.80
C ILE H 110 16.29 11.31 -36.46
N PHE H 111 15.27 11.21 -37.33
CA PHE H 111 14.02 11.95 -37.15
C PHE H 111 13.19 11.47 -35.96
N ALA H 112 13.26 10.19 -35.59
CA ALA H 112 12.67 9.80 -34.32
C ALA H 112 13.25 10.62 -33.17
N GLU H 113 14.59 10.57 -33.00
CA GLU H 113 15.22 11.26 -31.87
C GLU H 113 14.91 12.76 -31.89
N VAL H 114 14.96 13.38 -33.05
CA VAL H 114 14.64 14.81 -33.12
C VAL H 114 13.20 15.07 -32.70
N LEU H 115 12.32 14.10 -32.91
CA LEU H 115 10.92 14.31 -32.57
C LEU H 115 10.62 13.96 -31.12
N LYS H 116 11.39 13.04 -30.51
CA LYS H 116 11.40 12.89 -29.05
C LYS H 116 11.89 14.16 -28.34
N ASP H 117 12.91 14.82 -28.90
CA ASP H 117 13.36 16.09 -28.32
C ASP H 117 12.30 17.15 -28.45
N ALA H 118 11.68 17.24 -29.63
CA ALA H 118 10.76 18.33 -29.90
C ALA H 118 9.47 18.19 -29.10
N ILE H 119 8.98 16.95 -28.96
CA ILE H 119 7.79 16.73 -28.15
C ILE H 119 8.10 16.88 -26.67
N LYS H 120 9.23 16.32 -26.22
CA LYS H 120 9.65 16.54 -24.83
C LYS H 120 9.71 18.03 -24.50
N ASP H 121 10.17 18.87 -25.43
CA ASP H 121 10.21 20.31 -25.16
C ASP H 121 8.89 21.01 -25.47
N LEU H 122 8.08 20.48 -26.40
CA LEU H 122 6.80 21.11 -26.69
C LEU H 122 5.87 21.07 -25.48
N VAL H 123 5.89 19.95 -24.72
CA VAL H 123 5.00 19.77 -23.58
C VAL H 123 5.51 20.52 -22.35
N MET H 124 6.83 20.69 -22.20
CA MET H 124 7.36 21.49 -21.11
C MET H 124 6.77 22.89 -21.07
N THR H 125 6.26 23.40 -22.20
CA THR H 125 5.64 24.72 -22.22
C THR H 125 4.24 24.67 -21.61
N LYS H 126 3.45 23.73 -22.04
CA LYS H 126 2.07 23.76 -21.62
C LYS H 126 1.95 23.22 -20.20
N PRO H 127 1.05 23.79 -19.40
CA PRO H 127 0.97 23.39 -18.01
C PRO H 127 0.17 22.09 -17.92
N ALA H 128 0.10 21.59 -16.70
CA ALA H 128 -0.44 20.29 -16.31
C ALA H 128 -1.79 20.09 -16.95
N PRO H 129 -2.17 18.85 -17.27
CA PRO H 129 -1.33 17.63 -17.14
C PRO H 129 -0.32 17.44 -18.27
N THR H 130 -0.56 18.12 -19.39
CA THR H 130 0.18 17.98 -20.63
C THR H 130 1.67 17.74 -20.39
N CYS H 131 2.27 18.55 -19.52
CA CYS H 131 3.72 18.55 -19.35
C CYS H 131 4.23 17.29 -18.67
N ASN H 132 3.33 16.43 -18.18
CA ASN H 132 3.67 15.12 -17.62
C ASN H 132 3.83 14.05 -18.68
N ILE H 133 3.50 14.36 -19.93
CA ILE H 133 3.63 13.37 -20.98
C ILE H 133 5.08 12.89 -21.09
N ARG H 134 5.23 11.60 -21.33
CA ARG H 134 6.53 10.98 -21.41
C ARG H 134 6.76 10.48 -22.82
N VAL H 135 7.93 10.80 -23.35
CA VAL H 135 8.30 10.48 -24.71
C VAL H 135 9.55 9.65 -24.65
N THR H 136 9.59 8.55 -25.40
CA THR H 136 10.81 7.75 -25.49
C THR H 136 10.90 7.12 -26.88
N VAL H 137 12.13 6.97 -27.36
CA VAL H 137 12.38 6.42 -28.68
C VAL H 137 12.48 4.92 -28.58
N CYS H 138 11.65 4.22 -29.34
CA CYS H 138 11.91 2.81 -29.63
C CYS H 138 12.48 2.69 -31.03
N SER H 139 13.21 1.60 -31.24
CA SER H 139 13.63 1.17 -32.56
C SER H 139 12.96 -0.16 -32.86
N PHE H 140 13.00 -0.60 -34.12
CA PHE H 140 12.45 -1.89 -34.56
C PHE H 140 13.51 -2.64 -35.37
N ASP H 141 14.24 -3.51 -34.68
CA ASP H 141 15.37 -4.21 -35.27
C ASP H 141 15.00 -4.80 -36.63
N ASP H 142 13.78 -5.32 -36.75
CA ASP H 142 13.33 -5.97 -37.98
C ASP H 142 12.33 -5.15 -38.79
N GLY H 143 12.29 -3.84 -38.60
CA GLY H 143 11.31 -3.04 -39.31
C GLY H 143 9.87 -3.34 -38.91
N VAL H 144 8.97 -2.38 -39.12
CA VAL H 144 7.54 -2.62 -38.99
C VAL H 144 6.89 -2.35 -40.34
N ASP H 145 6.10 -3.33 -40.81
CA ASP H 145 5.50 -3.34 -42.14
C ASP H 145 4.07 -2.85 -41.96
N LEU H 146 3.86 -1.55 -42.11
CA LEU H 146 2.51 -1.05 -42.06
C LEU H 146 1.76 -1.40 -43.34
N PRO H 147 0.44 -1.60 -43.26
CA PRO H 147 -0.32 -2.01 -44.45
C PRO H 147 -0.40 -0.89 -45.50
N LYS I 1 -12.23 -51.04 -45.13
CA LYS I 1 -11.05 -50.49 -44.45
C LYS I 1 -9.93 -51.54 -44.31
N GLY I 2 -8.68 -51.10 -44.46
CA GLY I 2 -7.53 -52.00 -44.45
C GLY I 2 -7.44 -52.88 -45.68
N GLY I 3 -6.21 -53.35 -45.95
CA GLY I 3 -6.02 -54.22 -47.08
C GLY I 3 -5.02 -53.71 -48.11
N TRP I 4 -5.16 -54.16 -49.37
CA TRP I 4 -4.16 -53.93 -50.41
C TRP I 4 -4.57 -52.80 -51.34
N PHE I 5 -3.61 -51.95 -51.70
CA PHE I 5 -3.88 -50.83 -52.58
C PHE I 5 -2.84 -50.67 -53.70
N GLY I 6 -2.12 -51.74 -54.04
CA GLY I 6 -1.34 -51.78 -55.26
C GLY I 6 0.02 -51.14 -55.17
N LYS I 7 0.48 -50.77 -53.98
CA LYS I 7 1.76 -50.10 -53.82
C LYS I 7 2.60 -50.79 -52.74
N HIS I 8 3.84 -51.13 -53.10
CA HIS I 8 4.68 -51.85 -52.18
C HIS I 8 5.51 -50.89 -51.36
N ARG I 9 6.61 -51.41 -50.83
CA ARG I 9 7.43 -50.71 -49.87
C ARG I 9 8.28 -49.70 -50.63
N GLY I 10 8.50 -48.55 -50.01
CA GLY I 10 9.23 -47.50 -50.67
C GLY I 10 8.55 -46.89 -51.88
N GLN I 11 7.25 -47.15 -52.07
CA GLN I 11 6.53 -46.53 -53.18
C GLN I 11 5.38 -45.63 -52.71
N GLY I 12 5.40 -45.23 -51.43
CA GLY I 12 4.34 -44.38 -50.93
C GLY I 12 4.22 -43.09 -51.71
N GLY I 13 2.99 -42.52 -51.70
CA GLY I 13 2.66 -41.33 -52.47
C GLY I 13 2.37 -40.09 -51.63
N SER I 14 1.43 -39.24 -52.05
CA SER I 14 1.02 -38.04 -51.32
C SER I 14 -0.41 -38.15 -50.78
N ASN I 15 -0.59 -37.68 -49.54
CA ASN I 15 -1.80 -37.73 -48.76
C ASN I 15 -1.90 -36.39 -48.03
N PRO I 16 -3.10 -35.80 -47.93
CA PRO I 16 -3.21 -34.46 -47.30
C PRO I 16 -2.75 -34.39 -45.83
N LYS I 17 -2.36 -35.51 -45.21
CA LYS I 17 -1.76 -35.51 -43.88
C LYS I 17 -0.26 -35.25 -43.94
N PHE I 18 0.43 -35.92 -44.88
CA PHE I 18 1.86 -35.79 -45.04
C PHE I 18 2.26 -34.46 -45.67
N GLU I 19 1.41 -33.90 -46.54
CA GLU I 19 1.76 -32.67 -47.24
C GLU I 19 1.75 -31.48 -46.30
N ASN I 20 0.78 -31.44 -45.36
CA ASN I 20 0.74 -30.39 -44.35
C ASN I 20 1.70 -30.65 -43.18
N ILE I 21 2.38 -31.79 -43.14
CA ILE I 21 3.49 -31.96 -42.21
C ILE I 21 4.79 -31.51 -42.85
N ALA I 22 4.86 -31.57 -44.18
CA ALA I 22 5.99 -31.02 -44.90
C ALA I 22 5.84 -29.51 -45.10
N GLU I 23 4.60 -29.03 -45.24
CA GLU I 23 4.33 -27.60 -45.23
C GLU I 23 4.95 -26.98 -43.99
N GLY I 24 4.71 -27.60 -42.83
CA GLY I 24 5.32 -27.09 -41.61
C GLY I 24 6.84 -27.12 -41.65
N LEU I 25 7.41 -28.17 -42.25
CA LEU I 25 8.86 -28.30 -42.23
C LEU I 25 9.52 -27.35 -43.22
N ARG I 26 8.99 -27.30 -44.44
CA ARG I 26 9.45 -26.32 -45.43
C ARG I 26 9.58 -24.96 -44.80
N ALA I 27 8.53 -24.52 -44.11
CA ALA I 27 8.55 -23.21 -43.46
C ALA I 27 9.74 -23.08 -42.51
N LEU I 28 10.00 -24.11 -41.71
CA LEU I 28 11.11 -24.03 -40.78
C LEU I 28 12.46 -24.07 -41.50
N LEU I 29 12.53 -24.83 -42.60
CA LEU I 29 13.73 -24.88 -43.41
C LEU I 29 13.98 -23.61 -44.20
N ALA I 30 12.94 -22.81 -44.46
CA ALA I 30 13.08 -21.53 -45.15
C ALA I 30 13.95 -20.55 -44.37
N ARG I 31 14.00 -20.67 -43.03
CA ARG I 31 14.78 -19.74 -42.20
C ARG I 31 16.21 -19.58 -42.71
N SER I 32 16.84 -20.68 -43.15
CA SER I 32 18.16 -20.64 -43.76
C SER I 32 18.09 -21.01 -45.23
N HIS I 33 18.63 -20.14 -46.09
CA HIS I 33 18.65 -20.33 -47.54
C HIS I 33 19.98 -20.98 -47.94
N VAL I 34 20.11 -22.26 -47.60
CA VAL I 34 21.34 -23.02 -47.84
C VAL I 34 21.07 -24.10 -48.88
N GLU I 35 22.13 -24.48 -49.58
CA GLU I 35 22.08 -25.45 -50.68
C GLU I 35 21.76 -26.87 -50.20
N ARG I 36 20.87 -27.54 -50.93
CA ARG I 36 20.45 -28.89 -50.58
C ARG I 36 21.23 -29.97 -51.36
N THR I 37 22.13 -29.58 -52.29
CA THR I 37 22.79 -30.51 -53.21
C THR I 37 24.15 -29.96 -53.66
N THR I 38 25.06 -30.88 -54.04
CA THR I 38 26.41 -30.58 -54.55
C THR I 38 26.59 -31.23 -55.93
N ASP I 39 27.69 -30.88 -56.62
CA ASP I 39 27.97 -31.44 -57.95
C ASP I 39 28.48 -32.89 -57.92
N GLU I 40 28.96 -33.39 -56.76
CA GLU I 40 29.48 -34.76 -56.72
C GLU I 40 28.40 -35.77 -56.37
N GLY I 41 27.44 -35.38 -55.52
CA GLY I 41 26.37 -36.25 -55.07
C GLY I 41 26.70 -37.18 -53.93
N THR I 42 27.93 -37.12 -53.41
CA THR I 42 28.34 -38.03 -52.36
C THR I 42 27.56 -37.75 -51.07
N TRP I 43 27.16 -38.83 -50.42
CA TRP I 43 26.29 -38.79 -49.25
C TRP I 43 27.16 -38.66 -48.00
N VAL I 44 27.56 -37.43 -47.67
CA VAL I 44 28.42 -37.21 -46.51
C VAL I 44 27.64 -36.97 -45.22
N ALA I 45 26.32 -36.78 -45.30
CA ALA I 45 25.64 -36.19 -44.17
C ALA I 45 24.30 -36.86 -43.95
N GLY I 46 23.61 -36.43 -42.91
CA GLY I 46 22.52 -37.24 -42.45
C GLY I 46 21.93 -36.80 -41.14
N VAL I 47 20.65 -37.06 -41.02
CA VAL I 47 19.91 -36.75 -39.82
C VAL I 47 19.35 -38.06 -39.31
N PHE I 48 19.51 -38.29 -38.02
CA PHE I 48 19.08 -39.51 -37.37
C PHE I 48 17.82 -39.18 -36.59
N VAL I 49 16.73 -39.90 -36.86
CA VAL I 49 15.43 -39.54 -36.31
C VAL I 49 14.87 -40.71 -35.54
N TYR I 50 14.42 -40.47 -34.32
CA TYR I 50 14.02 -41.63 -33.55
C TYR I 50 13.10 -41.24 -32.42
N GLY I 51 12.51 -42.26 -31.85
CA GLY I 51 11.76 -42.15 -30.64
C GLY I 51 10.31 -41.82 -30.90
N GLY I 52 9.61 -41.57 -29.81
CA GLY I 52 8.29 -40.97 -29.87
C GLY I 52 7.22 -42.03 -30.02
N SER I 53 6.88 -42.36 -31.26
CA SER I 53 6.15 -43.57 -31.54
C SER I 53 6.46 -43.96 -32.97
N LYS I 54 6.03 -45.17 -33.32
CA LYS I 54 6.13 -45.61 -34.71
C LYS I 54 5.27 -44.74 -35.62
N THR I 55 4.00 -44.53 -35.26
CA THR I 55 3.13 -43.81 -36.17
C THR I 55 3.59 -42.36 -36.34
N SER I 56 4.00 -41.73 -35.25
CA SER I 56 4.48 -40.34 -35.31
C SER I 56 5.76 -40.23 -36.14
N LEU I 57 6.74 -41.10 -35.86
CA LEU I 57 7.95 -41.17 -36.66
C LEU I 57 7.62 -41.48 -38.10
N TYR I 58 6.74 -42.46 -38.33
CA TYR I 58 6.30 -42.76 -39.68
C TYR I 58 5.79 -41.52 -40.41
N ASN I 59 4.83 -40.80 -39.80
CA ASN I 59 4.23 -39.65 -40.49
C ASN I 59 5.25 -38.54 -40.70
N LEU I 60 6.23 -38.39 -39.79
CA LEU I 60 7.30 -37.42 -39.97
C LEU I 60 8.22 -37.78 -41.11
N ARG I 61 8.66 -39.06 -41.18
CA ARG I 61 9.37 -39.58 -42.36
C ARG I 61 8.56 -39.35 -43.63
N ARG I 62 7.29 -39.74 -43.59
CA ARG I 62 6.40 -39.50 -44.72
C ARG I 62 6.36 -38.05 -45.12
N GLY I 63 6.43 -37.16 -44.13
CA GLY I 63 6.40 -35.73 -44.43
C GLY I 63 7.72 -35.21 -44.97
N THR I 64 8.82 -35.60 -44.32
CA THR I 64 10.16 -35.20 -44.78
C THR I 64 10.41 -35.71 -46.18
N ALA I 65 9.67 -36.73 -46.61
CA ALA I 65 9.82 -37.23 -47.97
C ALA I 65 9.43 -36.17 -48.97
N LEU I 66 8.50 -35.29 -48.59
CA LEU I 66 7.91 -34.31 -49.49
C LEU I 66 8.58 -32.95 -49.43
N ALA I 67 9.14 -32.58 -48.28
CA ALA I 67 9.82 -31.29 -48.17
C ALA I 67 11.22 -31.35 -48.76
N ILE I 68 11.79 -32.54 -48.84
CA ILE I 68 13.21 -32.64 -49.18
C ILE I 68 13.43 -33.69 -50.27
N PRO I 69 13.05 -33.44 -51.53
CA PRO I 69 13.36 -34.41 -52.59
C PRO I 69 14.86 -34.60 -52.89
N GLN I 70 15.74 -33.70 -52.43
CA GLN I 70 17.20 -33.80 -52.57
C GLN I 70 17.86 -34.77 -51.53
N CYS I 71 17.07 -35.66 -50.91
CA CYS I 71 17.56 -36.54 -49.86
C CYS I 71 17.07 -37.94 -50.14
N ARG I 72 17.58 -38.88 -49.36
CA ARG I 72 17.16 -40.26 -49.44
C ARG I 72 16.77 -40.74 -48.04
N LEU I 73 15.78 -41.63 -48.00
CA LEU I 73 15.22 -42.10 -46.75
C LEU I 73 15.32 -43.61 -46.63
N THR I 74 15.66 -44.09 -45.44
CA THR I 74 15.63 -45.50 -45.10
C THR I 74 14.25 -45.90 -44.60
N PRO I 75 13.97 -47.19 -44.46
CA PRO I 75 12.73 -47.57 -43.79
C PRO I 75 12.92 -47.41 -42.29
N LEU I 76 11.79 -47.37 -41.59
CA LEU I 76 11.82 -47.47 -40.13
C LEU I 76 12.31 -48.85 -39.71
N SER I 77 13.21 -48.90 -38.70
CA SER I 77 13.48 -50.16 -37.99
C SER I 77 13.30 -49.98 -36.47
N ARG I 78 14.08 -50.69 -35.63
CA ARG I 78 14.03 -50.53 -34.18
C ARG I 78 15.45 -50.36 -33.63
N LEU I 79 15.57 -49.70 -32.37
CA LEU I 79 16.88 -49.41 -31.79
C LEU I 79 17.24 -50.45 -30.76
N PRO I 80 18.53 -50.69 -30.53
CA PRO I 80 18.93 -51.56 -29.42
C PRO I 80 19.00 -50.83 -28.09
N PHE I 81 18.85 -51.61 -27.02
CA PHE I 81 18.86 -51.09 -25.66
C PHE I 81 20.18 -50.35 -25.38
N GLY I 82 20.19 -49.62 -24.27
CA GLY I 82 21.33 -48.78 -23.95
C GLY I 82 22.31 -49.39 -22.96
N MET I 83 22.78 -48.56 -22.03
CA MET I 83 23.48 -49.05 -20.87
C MET I 83 22.45 -49.31 -19.76
N ALA I 84 22.46 -50.55 -19.20
CA ALA I 84 21.64 -50.85 -18.03
C ALA I 84 22.25 -50.19 -16.79
N PRO I 85 21.43 -49.57 -15.93
CA PRO I 85 21.97 -49.00 -14.68
C PRO I 85 22.15 -50.08 -13.64
N GLY I 86 23.21 -49.95 -12.85
CA GLY I 86 23.65 -51.05 -12.03
C GLY I 86 24.79 -51.79 -12.72
N PRO I 87 25.62 -52.49 -11.93
CA PRO I 87 26.88 -53.04 -12.48
C PRO I 87 26.83 -54.52 -12.85
N GLY I 88 25.64 -55.01 -13.18
CA GLY I 88 25.51 -56.37 -13.64
C GLY I 88 26.01 -56.51 -15.06
N PRO I 89 25.81 -57.69 -15.62
CA PRO I 89 25.94 -57.82 -17.08
C PRO I 89 25.05 -56.80 -17.78
N GLN I 90 25.50 -56.32 -18.93
CA GLN I 90 24.72 -55.41 -19.76
C GLN I 90 23.70 -56.18 -20.60
N PRO I 91 22.85 -55.50 -21.36
CA PRO I 91 22.05 -56.23 -22.35
C PRO I 91 22.90 -56.61 -23.55
N GLY I 92 22.44 -57.65 -24.23
CA GLY I 92 23.22 -58.22 -25.30
C GLY I 92 23.10 -57.34 -26.52
N PRO I 93 24.25 -56.95 -27.12
CA PRO I 93 24.23 -56.02 -28.27
C PRO I 93 23.06 -56.20 -29.24
N LEU I 94 22.57 -57.43 -29.43
CA LEU I 94 21.59 -57.66 -30.47
C LEU I 94 20.17 -57.27 -30.07
N ARG I 95 19.83 -57.29 -28.77
CA ARG I 95 18.45 -57.17 -28.27
C ARG I 95 17.78 -55.92 -28.79
N GLU I 96 16.54 -56.05 -29.34
CA GLU I 96 15.84 -54.93 -29.98
C GLU I 96 14.66 -54.46 -29.11
N SER I 97 14.58 -53.15 -28.89
CA SER I 97 13.48 -52.53 -28.15
C SER I 97 12.43 -52.00 -29.13
N ILE I 98 11.35 -51.38 -28.60
CA ILE I 98 10.22 -50.92 -29.42
C ILE I 98 10.39 -49.52 -30.01
N VAL I 99 11.46 -48.79 -29.68
CA VAL I 99 11.60 -47.45 -30.20
C VAL I 99 12.09 -47.53 -31.64
N CYS I 100 11.43 -46.79 -32.51
CA CYS I 100 11.84 -46.83 -33.90
C CYS I 100 12.80 -45.69 -34.20
N TYR I 101 13.31 -45.72 -35.41
CA TYR I 101 14.28 -44.77 -35.89
C TYR I 101 14.25 -44.87 -37.40
N PHE I 102 14.74 -43.83 -38.04
CA PHE I 102 14.92 -43.83 -39.48
C PHE I 102 16.05 -42.85 -39.76
N MET I 103 16.45 -42.77 -41.03
CA MET I 103 17.59 -41.95 -41.34
C MET I 103 17.30 -41.13 -42.60
N VAL I 104 17.89 -39.94 -42.65
CA VAL I 104 17.80 -39.06 -43.80
C VAL I 104 19.20 -38.99 -44.39
N PHE I 105 19.32 -39.17 -45.69
CA PHE I 105 20.62 -38.99 -46.30
C PHE I 105 20.68 -37.65 -47.01
N LEU I 106 21.84 -37.03 -46.95
CA LEU I 106 22.04 -35.69 -47.43
C LEU I 106 23.40 -35.56 -48.06
N GLN I 107 23.58 -34.48 -48.82
CA GLN I 107 24.84 -34.33 -49.52
C GLN I 107 25.71 -33.25 -48.91
N THR I 108 25.13 -32.31 -48.15
CA THR I 108 25.90 -31.24 -47.52
C THR I 108 25.92 -31.41 -46.01
N HIS I 109 27.08 -31.20 -45.40
CA HIS I 109 27.15 -31.14 -43.94
C HIS I 109 26.24 -30.08 -43.33
N ILE I 110 25.82 -29.05 -44.08
CA ILE I 110 25.10 -27.91 -43.47
C ILE I 110 23.59 -28.07 -43.56
N PHE I 111 23.04 -28.40 -44.73
CA PHE I 111 21.60 -28.62 -44.81
C PHE I 111 21.14 -29.69 -43.82
N ALA I 112 22.08 -30.49 -43.28
CA ALA I 112 21.79 -31.39 -42.16
C ALA I 112 21.41 -30.60 -40.92
N GLU I 113 22.31 -29.74 -40.44
CA GLU I 113 22.01 -28.91 -39.28
C GLU I 113 20.72 -28.13 -39.47
N VAL I 114 20.35 -27.81 -40.71
CA VAL I 114 19.13 -27.04 -40.92
C VAL I 114 17.89 -27.92 -40.79
N LEU I 115 18.02 -29.21 -41.14
CA LEU I 115 16.90 -30.13 -40.98
C LEU I 115 16.83 -30.67 -39.56
N LYS I 116 17.98 -30.84 -38.91
CA LYS I 116 17.97 -31.13 -37.48
C LYS I 116 17.26 -30.01 -36.72
N ASP I 117 17.73 -28.77 -36.90
CA ASP I 117 17.03 -27.64 -36.30
C ASP I 117 15.61 -27.45 -36.80
N ALA I 118 15.23 -28.04 -37.94
CA ALA I 118 13.84 -27.93 -38.34
C ALA I 118 12.97 -28.92 -37.57
N ILE I 119 13.36 -30.20 -37.59
CA ILE I 119 12.59 -31.20 -36.89
C ILE I 119 12.48 -30.84 -35.40
N LYS I 120 13.63 -30.51 -34.78
CA LYS I 120 13.65 -30.15 -33.37
C LYS I 120 12.64 -29.07 -33.02
N ASP I 121 12.35 -28.16 -33.96
CA ASP I 121 11.37 -27.09 -33.77
C ASP I 121 10.00 -27.41 -34.29
N LEU I 122 9.90 -28.15 -35.38
CA LEU I 122 8.61 -28.69 -35.78
C LEU I 122 8.00 -29.51 -34.65
N VAL I 123 8.83 -30.31 -33.97
CA VAL I 123 8.31 -31.31 -33.05
C VAL I 123 8.05 -30.74 -31.69
N MET I 124 8.72 -29.63 -31.37
CA MET I 124 8.74 -29.17 -30.01
C MET I 124 7.37 -28.70 -29.56
N THR I 125 6.61 -28.09 -30.48
CA THR I 125 5.34 -27.48 -30.11
C THR I 125 4.25 -28.51 -29.95
N LYS I 126 4.33 -29.62 -30.69
CA LYS I 126 3.24 -30.58 -30.77
C LYS I 126 3.04 -31.32 -29.45
N PRO I 127 1.86 -31.91 -29.28
CA PRO I 127 1.60 -32.73 -28.07
C PRO I 127 1.92 -34.21 -28.32
N ALA I 128 2.05 -34.95 -27.19
CA ALA I 128 2.53 -36.32 -27.19
C ALA I 128 1.85 -37.15 -28.27
N PRO I 129 2.56 -38.12 -28.88
CA PRO I 129 3.94 -38.48 -28.55
C PRO I 129 4.99 -37.81 -29.43
N THR I 130 4.55 -36.92 -30.35
CA THR I 130 5.48 -36.28 -31.27
C THR I 130 6.65 -35.62 -30.55
N CYS I 131 6.36 -34.81 -29.50
CA CYS I 131 7.33 -34.19 -28.60
C CYS I 131 8.63 -34.97 -28.42
N ASN I 132 8.49 -36.27 -28.12
CA ASN I 132 9.60 -37.12 -27.70
C ASN I 132 10.38 -37.73 -28.86
N ILE I 133 9.96 -37.46 -30.10
CA ILE I 133 10.87 -37.59 -31.24
C ILE I 133 12.16 -36.81 -30.97
N ARG I 134 13.26 -37.41 -31.38
CA ARG I 134 14.60 -36.89 -31.17
C ARG I 134 15.33 -36.84 -32.50
N VAL I 135 16.26 -35.90 -32.60
CA VAL I 135 17.01 -35.71 -33.83
C VAL I 135 18.47 -35.48 -33.46
N THR I 136 19.38 -36.14 -34.20
CA THR I 136 20.80 -35.84 -34.17
C THR I 136 21.34 -35.91 -35.60
N VAL I 137 22.54 -35.35 -35.77
CA VAL I 137 23.14 -35.07 -37.07
C VAL I 137 24.30 -36.04 -37.31
N CYS I 138 24.38 -36.62 -38.51
CA CYS I 138 25.36 -37.66 -38.86
C CYS I 138 26.36 -37.14 -39.89
N SER I 139 27.60 -37.59 -39.80
CA SER I 139 28.61 -37.31 -40.83
C SER I 139 29.45 -38.57 -41.01
N PHE I 140 29.36 -39.16 -42.21
CA PHE I 140 30.05 -40.41 -42.52
C PHE I 140 31.46 -40.08 -43.02
N ASP I 141 32.48 -40.41 -42.20
CA ASP I 141 33.87 -40.02 -42.51
C ASP I 141 34.30 -40.48 -43.91
N ASP I 142 33.75 -41.61 -44.38
CA ASP I 142 34.12 -42.21 -45.65
C ASP I 142 33.03 -42.10 -46.73
N GLY I 143 31.98 -41.32 -46.52
CA GLY I 143 30.89 -41.28 -47.48
C GLY I 143 30.09 -42.58 -47.58
N VAL I 144 28.85 -42.50 -48.07
CA VAL I 144 28.01 -43.69 -48.21
C VAL I 144 27.68 -43.89 -49.68
N ASP I 145 27.91 -45.12 -50.18
CA ASP I 145 27.73 -45.46 -51.60
C ASP I 145 26.33 -46.01 -51.80
N LEU I 146 25.36 -45.13 -51.78
CA LEU I 146 24.00 -45.59 -52.08
C LEU I 146 23.97 -46.13 -53.52
N PRO I 147 23.23 -47.22 -53.74
CA PRO I 147 23.15 -47.96 -55.01
C PRO I 147 22.76 -47.17 -56.31
N LYS J 1 13.74 -79.08 -42.61
CA LYS J 1 14.53 -77.85 -42.48
C LYS J 1 13.64 -76.58 -42.37
N GLY J 2 14.00 -75.67 -41.46
CA GLY J 2 13.24 -74.45 -41.27
C GLY J 2 12.08 -74.59 -40.29
N GLY J 3 11.56 -73.43 -39.84
CA GLY J 3 10.45 -73.35 -38.92
C GLY J 3 10.73 -72.40 -37.77
N TRP J 4 9.96 -72.56 -36.68
CA TRP J 4 10.07 -71.70 -35.51
C TRP J 4 10.94 -72.36 -34.43
N PHE J 5 11.95 -71.61 -33.99
CA PHE J 5 12.98 -72.11 -33.10
C PHE J 5 13.02 -71.34 -31.78
N GLY J 6 11.91 -70.71 -31.42
CA GLY J 6 11.74 -70.23 -30.07
C GLY J 6 12.47 -68.95 -29.70
N LYS J 7 13.39 -68.52 -30.57
CA LYS J 7 14.22 -67.35 -30.30
C LYS J 7 13.73 -66.16 -31.10
N HIS J 8 13.25 -65.13 -30.40
CA HIS J 8 12.70 -63.93 -30.99
C HIS J 8 13.80 -62.95 -31.42
N ARG J 9 13.40 -61.92 -32.16
CA ARG J 9 14.31 -60.86 -32.58
C ARG J 9 15.20 -60.32 -31.47
N GLY J 10 16.47 -60.11 -31.83
CA GLY J 10 17.46 -59.65 -30.90
C GLY J 10 17.83 -60.63 -29.82
N GLN J 11 17.36 -61.87 -29.88
CA GLN J 11 17.75 -62.89 -28.92
C GLN J 11 18.40 -64.08 -29.62
N GLY J 12 19.36 -63.82 -30.50
CA GLY J 12 20.06 -64.92 -31.16
C GLY J 12 21.31 -65.31 -30.37
N GLY J 13 21.44 -66.61 -30.07
CA GLY J 13 22.59 -67.14 -29.37
C GLY J 13 23.80 -67.33 -30.28
N SER J 14 24.87 -67.90 -29.73
CA SER J 14 26.07 -68.13 -30.53
C SER J 14 25.99 -69.50 -31.19
N ASN J 15 26.61 -69.61 -32.36
CA ASN J 15 27.05 -70.82 -33.01
C ASN J 15 28.57 -70.87 -32.95
N PRO J 16 29.18 -72.05 -33.08
CA PRO J 16 30.59 -72.10 -33.48
C PRO J 16 30.84 -71.54 -34.91
N LYS J 17 29.80 -71.18 -35.69
CA LYS J 17 30.04 -70.33 -36.86
C LYS J 17 30.32 -68.89 -36.44
N PHE J 18 29.37 -68.28 -35.72
CA PHE J 18 29.49 -66.88 -35.39
C PHE J 18 30.59 -66.59 -34.39
N GLU J 19 30.93 -67.52 -33.49
CA GLU J 19 32.08 -67.20 -32.67
C GLU J 19 33.37 -67.35 -33.46
N ASN J 20 33.32 -68.05 -34.60
CA ASN J 20 34.48 -68.10 -35.50
C ASN J 20 34.68 -66.75 -36.21
N ILE J 21 33.58 -66.05 -36.51
CA ILE J 21 33.69 -64.70 -37.02
C ILE J 21 34.19 -63.75 -35.94
N ALA J 22 33.60 -63.84 -34.74
CA ALA J 22 33.96 -62.93 -33.67
C ALA J 22 35.38 -63.13 -33.22
N GLU J 23 35.91 -64.36 -33.27
CA GLU J 23 37.30 -64.51 -32.88
C GLU J 23 38.22 -63.92 -33.95
N GLY J 24 37.80 -63.95 -35.22
CA GLY J 24 38.53 -63.22 -36.24
C GLY J 24 38.64 -61.74 -35.89
N LEU J 25 37.52 -61.10 -35.57
CA LEU J 25 37.52 -59.71 -35.09
C LEU J 25 38.38 -59.53 -33.85
N ARG J 26 38.21 -60.40 -32.87
CA ARG J 26 38.97 -60.24 -31.62
C ARG J 26 40.48 -60.38 -31.82
N ALA J 27 40.94 -60.96 -32.93
CA ALA J 27 42.39 -61.01 -33.20
C ALA J 27 42.90 -59.68 -33.76
N LEU J 28 42.11 -59.04 -34.62
CA LEU J 28 42.48 -57.74 -35.13
C LEU J 28 42.34 -56.65 -34.07
N LEU J 29 41.42 -56.84 -33.11
CA LEU J 29 41.22 -55.85 -32.06
C LEU J 29 42.11 -56.04 -30.83
N ALA J 30 42.69 -57.22 -30.63
CA ALA J 30 43.61 -57.34 -29.49
C ALA J 30 44.97 -56.71 -29.74
N ARG J 31 45.22 -56.21 -30.95
CA ARG J 31 46.38 -55.34 -31.15
C ARG J 31 46.17 -54.02 -30.41
N SER J 32 44.98 -53.42 -30.56
CA SER J 32 44.67 -52.08 -30.09
C SER J 32 44.00 -52.18 -28.71
N HIS J 33 44.70 -51.64 -27.70
CA HIS J 33 44.13 -51.47 -26.36
C HIS J 33 43.62 -50.04 -26.18
N VAL J 34 42.62 -49.71 -26.99
CA VAL J 34 41.88 -48.49 -26.83
C VAL J 34 40.63 -48.78 -26.00
N GLU J 35 40.12 -47.76 -25.32
CA GLU J 35 39.00 -47.96 -24.43
C GLU J 35 37.66 -47.87 -25.16
N ARG J 36 36.76 -48.77 -24.81
CA ARG J 36 35.50 -48.96 -25.53
C ARG J 36 34.32 -48.25 -24.88
N THR J 37 34.33 -48.06 -23.58
CA THR J 37 33.26 -47.37 -22.88
C THR J 37 33.70 -45.96 -22.51
N THR J 38 32.75 -45.13 -22.08
CA THR J 38 33.03 -43.96 -21.25
C THR J 38 32.22 -44.11 -19.98
N ASP J 39 32.60 -43.39 -18.93
CA ASP J 39 31.69 -43.43 -17.79
C ASP J 39 30.37 -42.74 -18.09
N GLU J 40 30.31 -41.79 -19.03
CA GLU J 40 29.02 -41.16 -19.30
C GLU J 40 28.04 -42.08 -20.00
N GLY J 41 28.49 -43.24 -20.47
CA GLY J 41 27.62 -44.17 -21.18
C GLY J 41 26.88 -43.55 -22.34
N THR J 42 27.43 -42.48 -22.95
CA THR J 42 26.79 -41.84 -24.09
C THR J 42 27.25 -42.54 -25.36
N TRP J 43 26.34 -42.58 -26.32
CA TRP J 43 26.52 -43.27 -27.60
C TRP J 43 26.85 -42.26 -28.70
N VAL J 44 28.10 -41.82 -28.76
CA VAL J 44 28.47 -40.68 -29.60
C VAL J 44 29.10 -41.11 -30.92
N ALA J 45 29.16 -42.40 -31.22
CA ALA J 45 29.80 -42.76 -32.48
C ALA J 45 29.29 -44.10 -32.98
N GLY J 46 29.15 -44.22 -34.31
CA GLY J 46 28.65 -45.44 -34.93
C GLY J 46 29.54 -45.94 -36.05
N VAL J 47 29.45 -47.24 -36.31
CA VAL J 47 29.97 -47.82 -37.55
C VAL J 47 28.78 -48.20 -38.39
N PHE J 48 28.84 -47.88 -39.67
CA PHE J 48 27.76 -48.12 -40.63
C PHE J 48 28.27 -49.16 -41.62
N VAL J 49 27.72 -50.38 -41.55
CA VAL J 49 28.15 -51.50 -42.36
C VAL J 49 27.02 -51.84 -43.32
N TYR J 50 27.34 -52.02 -44.60
CA TYR J 50 26.34 -52.23 -45.63
C TYR J 50 26.97 -52.92 -46.83
N GLY J 51 26.17 -53.07 -47.88
CA GLY J 51 26.63 -53.75 -49.07
C GLY J 51 26.60 -55.26 -48.94
N GLY J 52 27.52 -55.92 -49.67
CA GLY J 52 27.72 -57.36 -49.57
C GLY J 52 26.56 -58.22 -50.04
N SER J 53 25.71 -58.64 -49.10
CA SER J 53 24.45 -59.33 -49.39
C SER J 53 23.70 -59.42 -48.07
N LYS J 54 22.42 -59.80 -48.13
CA LYS J 54 21.62 -59.86 -46.91
C LYS J 54 22.25 -60.82 -45.91
N THR J 55 22.70 -61.97 -46.40
CA THR J 55 23.02 -63.09 -45.52
C THR J 55 24.46 -63.03 -45.02
N SER J 56 25.39 -62.50 -45.82
CA SER J 56 26.74 -62.26 -45.29
C SER J 56 26.76 -61.06 -44.34
N LEU J 57 25.97 -60.01 -44.60
CA LEU J 57 25.82 -58.94 -43.60
C LEU J 57 25.16 -59.48 -42.34
N TYR J 58 24.15 -60.35 -42.48
CA TYR J 58 23.49 -60.89 -41.29
C TYR J 58 24.48 -61.67 -40.43
N ASN J 59 25.28 -62.55 -41.06
CA ASN J 59 26.36 -63.25 -40.35
C ASN J 59 27.31 -62.26 -39.66
N LEU J 60 27.76 -61.23 -40.39
CA LEU J 60 28.72 -60.26 -39.85
C LEU J 60 28.13 -59.51 -38.67
N ARG J 61 26.87 -59.10 -38.77
CA ARG J 61 26.18 -58.55 -37.60
C ARG J 61 26.28 -59.50 -36.41
N ARG J 62 26.12 -60.81 -36.64
CA ARG J 62 26.03 -61.75 -35.53
C ARG J 62 27.38 -62.07 -34.91
N GLY J 63 28.44 -62.01 -35.69
CA GLY J 63 29.76 -62.18 -35.13
C GLY J 63 30.13 -60.97 -34.31
N THR J 64 29.87 -59.79 -34.87
CA THR J 64 30.25 -58.55 -34.21
C THR J 64 29.61 -58.47 -32.83
N ALA J 65 28.47 -59.14 -32.68
CA ALA J 65 27.77 -59.16 -31.40
C ALA J 65 28.59 -59.88 -30.34
N LEU J 66 29.25 -60.99 -30.69
CA LEU J 66 30.02 -61.75 -29.71
C LEU J 66 31.37 -61.10 -29.43
N ALA J 67 32.02 -60.55 -30.47
CA ALA J 67 33.28 -59.84 -30.28
C ALA J 67 33.15 -58.68 -29.29
N ILE J 68 32.12 -57.85 -29.47
CA ILE J 68 32.01 -56.58 -28.76
C ILE J 68 30.76 -56.47 -27.87
N PRO J 69 30.77 -57.04 -26.66
CA PRO J 69 29.70 -56.75 -25.70
C PRO J 69 29.53 -55.27 -25.39
N GLN J 70 30.49 -54.42 -25.78
CA GLN J 70 30.33 -52.99 -25.61
C GLN J 70 29.62 -52.31 -26.76
N CYS J 71 29.38 -53.02 -27.86
CA CYS J 71 28.68 -52.36 -28.95
C CYS J 71 27.18 -52.58 -28.79
N ARG J 72 26.41 -51.92 -29.66
CA ARG J 72 24.98 -52.12 -29.77
C ARG J 72 24.61 -52.14 -31.24
N LEU J 73 23.74 -53.06 -31.64
CA LEU J 73 23.52 -53.33 -33.05
C LEU J 73 22.05 -53.15 -33.40
N THR J 74 21.78 -52.64 -34.59
CA THR J 74 20.42 -52.52 -35.11
C THR J 74 20.01 -53.83 -35.75
N PRO J 75 18.72 -53.97 -36.22
CA PRO J 75 18.42 -55.14 -37.05
C PRO J 75 19.00 -54.86 -38.43
N LEU J 76 18.74 -55.70 -39.42
CA LEU J 76 18.98 -55.25 -40.77
C LEU J 76 17.78 -54.44 -41.27
N SER J 77 18.07 -53.51 -42.17
CA SER J 77 17.03 -52.77 -42.88
C SER J 77 17.71 -52.22 -44.13
N ARG J 78 16.92 -51.61 -45.01
CA ARG J 78 17.35 -51.44 -46.39
C ARG J 78 17.86 -50.04 -46.64
N LEU J 79 18.69 -49.90 -47.69
CA LEU J 79 19.17 -48.61 -48.17
C LEU J 79 18.34 -48.15 -49.35
N PRO J 80 18.21 -46.83 -49.51
CA PRO J 80 17.58 -46.26 -50.69
C PRO J 80 18.60 -46.06 -51.79
N PHE J 81 18.11 -45.75 -52.98
CA PHE J 81 18.99 -45.69 -54.13
C PHE J 81 19.71 -44.34 -54.15
N GLY J 82 20.88 -44.33 -54.77
CA GLY J 82 21.60 -43.09 -55.01
C GLY J 82 21.07 -42.44 -56.27
N MET J 83 21.77 -41.42 -56.72
CA MET J 83 21.31 -40.70 -57.89
C MET J 83 21.55 -41.55 -59.14
N ALA J 84 20.60 -41.46 -60.10
CA ALA J 84 20.73 -42.19 -61.36
C ALA J 84 21.62 -41.39 -62.31
N PRO J 85 22.56 -42.03 -62.99
CA PRO J 85 23.52 -41.27 -63.81
C PRO J 85 22.83 -40.59 -64.98
N GLY J 86 23.04 -39.28 -65.10
CA GLY J 86 22.35 -38.48 -66.07
C GLY J 86 21.16 -37.77 -65.45
N PRO J 87 20.60 -36.77 -66.18
CA PRO J 87 19.48 -35.99 -65.64
C PRO J 87 18.11 -36.60 -65.94
N GLY J 88 18.03 -37.92 -66.04
CA GLY J 88 16.78 -38.58 -66.29
C GLY J 88 15.84 -38.48 -65.10
N PRO J 89 14.96 -39.46 -64.95
CA PRO J 89 14.09 -39.47 -63.77
C PRO J 89 14.91 -39.75 -62.52
N GLN J 90 14.69 -38.87 -61.40
CA GLN J 90 15.35 -39.29 -60.17
C GLN J 90 14.48 -40.23 -59.34
N PRO J 91 15.11 -41.19 -58.67
CA PRO J 91 14.36 -42.06 -57.75
C PRO J 91 13.60 -41.27 -56.70
N GLY J 92 12.42 -41.76 -56.33
CA GLY J 92 11.71 -41.20 -55.21
C GLY J 92 12.56 -41.31 -53.96
N PRO J 93 12.39 -40.38 -53.01
CA PRO J 93 13.15 -40.51 -51.75
C PRO J 93 12.89 -41.83 -51.02
N LEU J 94 11.65 -42.31 -50.99
CA LEU J 94 11.35 -43.50 -50.21
C LEU J 94 11.83 -44.79 -50.85
N ARG J 95 11.97 -44.83 -52.18
CA ARG J 95 12.21 -46.10 -52.84
C ARG J 95 13.46 -46.78 -52.30
N GLU J 96 13.31 -48.07 -51.94
CA GLU J 96 14.30 -48.89 -51.29
C GLU J 96 14.99 -49.78 -52.28
N SER J 97 16.18 -50.23 -51.93
CA SER J 97 16.92 -51.15 -52.77
C SER J 97 16.93 -52.54 -52.14
N ILE J 98 17.60 -53.48 -52.82
CA ILE J 98 17.75 -54.82 -52.27
C ILE J 98 18.97 -54.91 -51.37
N VAL J 99 19.66 -53.75 -51.17
CA VAL J 99 20.90 -53.67 -50.39
C VAL J 99 20.55 -53.44 -48.93
N CYS J 100 21.29 -54.06 -48.03
CA CYS J 100 21.01 -53.94 -46.62
C CYS J 100 22.12 -53.18 -45.90
N TYR J 101 21.79 -52.78 -44.68
CA TYR J 101 22.73 -52.14 -43.78
C TYR J 101 22.39 -52.52 -42.35
N PHE J 102 23.35 -52.27 -41.47
CA PHE J 102 23.09 -52.16 -40.04
C PHE J 102 24.02 -51.09 -39.48
N MET J 103 23.79 -50.73 -38.21
CA MET J 103 24.64 -49.79 -37.53
C MET J 103 25.12 -50.37 -36.22
N VAL J 104 26.20 -49.78 -35.70
CA VAL J 104 26.94 -50.26 -34.54
C VAL J 104 27.23 -49.04 -33.67
N PHE J 105 26.34 -48.77 -32.70
CA PHE J 105 26.53 -47.63 -31.80
C PHE J 105 27.67 -47.93 -30.81
N LEU J 106 28.44 -46.90 -30.45
CA LEU J 106 29.65 -47.09 -29.65
C LEU J 106 29.88 -45.85 -28.80
N GLN J 107 30.65 -46.01 -27.73
CA GLN J 107 30.70 -44.95 -26.75
C GLN J 107 31.87 -44.00 -26.94
N THR J 108 32.97 -44.44 -27.55
CA THR J 108 34.16 -43.62 -27.78
C THR J 108 34.39 -43.34 -29.27
N HIS J 109 34.91 -42.15 -29.55
CA HIS J 109 35.26 -41.81 -30.94
C HIS J 109 36.50 -42.56 -31.46
N ILE J 110 37.31 -43.19 -30.61
CA ILE J 110 38.47 -43.93 -31.11
C ILE J 110 38.08 -45.36 -31.44
N PHE J 111 37.32 -46.02 -30.55
CA PHE J 111 36.97 -47.40 -30.77
C PHE J 111 36.09 -47.61 -32.00
N ALA J 112 35.46 -46.57 -32.55
CA ALA J 112 34.81 -46.75 -33.84
C ALA J 112 35.82 -46.86 -34.97
N GLU J 113 36.80 -45.93 -35.06
CA GLU J 113 37.84 -46.06 -36.09
C GLU J 113 38.65 -47.33 -35.91
N VAL J 114 38.95 -47.71 -34.68
CA VAL J 114 39.57 -49.02 -34.45
C VAL J 114 38.70 -50.11 -35.06
N LEU J 115 37.40 -50.07 -34.79
CA LEU J 115 36.53 -51.16 -35.24
C LEU J 115 36.27 -51.10 -36.73
N LYS J 116 36.18 -49.92 -37.32
CA LYS J 116 36.09 -49.84 -38.78
C LYS J 116 37.30 -50.47 -39.44
N ASP J 117 38.51 -50.17 -38.93
CA ASP J 117 39.73 -50.69 -39.53
C ASP J 117 39.85 -52.19 -39.36
N ALA J 118 39.29 -52.71 -38.26
CA ALA J 118 39.33 -54.15 -37.98
C ALA J 118 38.26 -54.91 -38.76
N ILE J 119 37.09 -54.32 -38.98
CA ILE J 119 36.15 -54.93 -39.90
C ILE J 119 36.65 -54.87 -41.33
N LYS J 120 37.20 -53.71 -41.72
CA LYS J 120 37.62 -53.57 -43.11
C LYS J 120 38.64 -54.64 -43.49
N ASP J 121 39.53 -55.01 -42.56
CA ASP J 121 40.46 -56.09 -42.85
C ASP J 121 39.94 -57.46 -42.50
N LEU J 122 39.00 -57.57 -41.56
CA LEU J 122 38.41 -58.88 -41.27
C LEU J 122 37.61 -59.38 -42.45
N VAL J 123 36.99 -58.45 -43.19
CA VAL J 123 36.11 -58.82 -44.29
C VAL J 123 36.89 -58.96 -45.59
N MET J 124 38.15 -58.54 -45.61
CA MET J 124 38.96 -58.63 -46.81
C MET J 124 39.70 -59.95 -46.91
N THR J 125 39.85 -60.64 -45.78
CA THR J 125 40.31 -62.03 -45.79
C THR J 125 39.30 -62.92 -46.48
N LYS J 126 38.02 -62.73 -46.14
CA LYS J 126 37.01 -63.72 -46.50
C LYS J 126 36.62 -63.65 -47.97
N PRO J 127 36.21 -64.77 -48.56
CA PRO J 127 35.93 -64.78 -50.00
C PRO J 127 34.70 -63.93 -50.28
N ALA J 128 34.50 -63.67 -51.58
CA ALA J 128 33.30 -63.02 -52.04
C ALA J 128 32.10 -63.86 -51.64
N PRO J 129 30.89 -63.27 -51.56
CA PRO J 129 30.50 -61.85 -51.68
C PRO J 129 30.74 -60.99 -50.43
N THR J 130 30.82 -61.63 -49.28
CA THR J 130 31.36 -61.00 -48.07
C THR J 130 32.30 -59.83 -48.34
N CYS J 131 33.34 -60.01 -49.17
CA CYS J 131 34.44 -59.05 -49.18
C CYS J 131 34.04 -57.68 -49.71
N ASN J 132 32.85 -57.53 -50.28
CA ASN J 132 32.35 -56.26 -50.81
C ASN J 132 31.53 -55.47 -49.81
N ILE J 133 31.45 -55.95 -48.57
CA ILE J 133 30.78 -55.17 -47.54
C ILE J 133 31.54 -53.89 -47.31
N ARG J 134 30.81 -52.86 -46.97
CA ARG J 134 31.35 -51.53 -46.87
C ARG J 134 31.16 -51.05 -45.45
N VAL J 135 32.14 -50.32 -44.97
CA VAL J 135 32.17 -49.82 -43.61
C VAL J 135 32.51 -48.36 -43.72
N THR J 136 31.86 -47.54 -42.90
CA THR J 136 32.10 -46.10 -42.78
C THR J 136 31.75 -45.65 -41.38
N VAL J 137 32.65 -44.89 -40.77
CA VAL J 137 32.39 -44.34 -39.45
C VAL J 137 31.43 -43.18 -39.59
N CYS J 138 30.49 -43.07 -38.66
CA CYS J 138 29.74 -41.82 -38.50
C CYS J 138 29.85 -41.31 -37.07
N SER J 139 29.54 -40.02 -36.90
CA SER J 139 29.41 -39.43 -35.59
C SER J 139 28.07 -38.72 -35.46
N PHE J 140 27.59 -38.63 -34.22
CA PHE J 140 26.31 -38.01 -33.90
C PHE J 140 26.65 -36.74 -33.13
N ASP J 141 26.36 -35.59 -33.74
CA ASP J 141 26.76 -34.33 -33.13
C ASP J 141 26.15 -34.20 -31.74
N ASP J 142 24.95 -34.76 -31.55
CA ASP J 142 24.18 -34.59 -30.32
C ASP J 142 24.00 -35.91 -29.58
N GLY J 143 24.70 -36.95 -29.98
CA GLY J 143 24.56 -38.22 -29.30
C GLY J 143 23.31 -38.99 -29.70
N VAL J 144 23.31 -40.30 -29.49
CA VAL J 144 22.09 -41.11 -29.56
C VAL J 144 21.80 -41.63 -28.16
N ASP J 145 20.55 -41.43 -27.72
CA ASP J 145 20.01 -41.91 -26.45
C ASP J 145 19.28 -43.23 -26.73
N LEU J 146 20.03 -44.32 -26.66
CA LEU J 146 19.43 -45.63 -26.77
C LEU J 146 18.67 -45.94 -25.50
N PRO J 147 17.49 -46.57 -25.60
CA PRO J 147 16.66 -46.84 -24.42
C PRO J 147 17.32 -47.77 -23.37
#